data_4LLO
#
_entry.id   4LLO
#
_cell.length_a   162.380
_cell.length_b   162.380
_cell.length_c   100.440
_cell.angle_alpha   90.00
_cell.angle_beta   90.00
_cell.angle_gamma   120.00
#
_symmetry.space_group_name_H-M   'P 65'
#
loop_
_entity.id
_entity.type
_entity.pdbx_description
1 polymer 'Potassium voltage-gated channel subfamily H member 1'
2 polymer 'Potassium voltage-gated channel subfamily H member 1'
3 water water
#
loop_
_entity_poly.entity_id
_entity_poly.type
_entity_poly.pdbx_seq_one_letter_code
_entity_poly.pdbx_strand_id
1 'polypeptide(L)'
;GAMGTEKVLQICPKDMRADICVHLNRKVFKEHPAFRLASDGCLRALAMEFQTVHCAPGDLIYHAGESVDSLCFVVSGSLE
VIQDDEVVAILGKGDVFGDVFWKEATLAQSCANVRALTYCDLHVIKRDALQKVLEFYTAFSHSFSRNLILTYNLRKRIVF
RKISDVKREEEERMKRK
;
A,C,E,G
2 'polypeptide(L)'
;GAMGRRGLVAPQNTFLENIVRRSNDTNFVLGNAQIVDWPIVYSNDGFCKLSGYHRAEVMQKSSACSFMYGELTDKDTVEK
VRQTFENYEMNSFEILMYKKNRTPVWFFVKIAPIRNEQDKVVLFLCTFSDITAF
;
B,D,F,H
#
# COMPACT_ATOMS: atom_id res chain seq x y z
N GLY A 1 39.62 2.64 1.19
CA GLY A 1 38.51 2.13 0.40
C GLY A 1 38.74 2.27 -1.10
N ALA A 2 38.02 1.49 -1.88
CA ALA A 2 38.13 1.53 -3.34
C ALA A 2 37.61 2.84 -3.96
N MET A 3 36.63 3.46 -3.31
CA MET A 3 36.10 4.71 -3.85
C MET A 3 37.19 5.78 -3.90
N GLY A 4 37.18 6.61 -4.94
CA GLY A 4 38.19 7.65 -5.06
C GLY A 4 39.50 7.17 -5.68
N THR A 5 39.56 5.89 -6.05
CA THR A 5 40.77 5.32 -6.66
C THR A 5 40.54 4.86 -8.09
N GLU A 6 41.59 4.29 -8.68
CA GLU A 6 41.55 3.79 -10.07
C GLU A 6 40.68 2.55 -10.20
N LYS A 7 40.25 1.98 -9.07
CA LYS A 7 39.33 0.85 -9.10
C LYS A 7 37.92 1.27 -9.55
N VAL A 8 37.67 2.57 -9.56
CA VAL A 8 36.35 3.07 -10.00
C VAL A 8 36.47 3.34 -11.50
N LEU A 9 35.70 2.60 -12.30
CA LEU A 9 35.79 2.67 -13.76
C LEU A 9 34.59 3.38 -14.34
N GLN A 10 34.78 4.07 -15.47
CA GLN A 10 33.64 4.67 -16.18
C GLN A 10 32.83 3.54 -16.79
N ILE A 11 31.51 3.62 -16.75
CA ILE A 11 30.72 2.56 -17.36
C ILE A 11 30.83 2.67 -18.89
N CYS A 12 30.76 3.90 -19.40
CA CYS A 12 30.79 4.13 -20.85
C CYS A 12 32.06 4.87 -21.28
N PRO A 13 32.77 4.34 -22.30
CA PRO A 13 33.82 5.11 -22.98
C PRO A 13 33.17 6.37 -23.56
N LYS A 14 33.88 7.49 -23.60
CA LYS A 14 33.21 8.78 -23.90
C LYS A 14 32.70 8.90 -25.34
N ASP A 15 33.27 8.14 -26.25
CA ASP A 15 32.82 8.13 -27.65
C ASP A 15 31.77 7.05 -27.95
N MET A 16 31.30 6.35 -26.92
CA MET A 16 30.30 5.31 -27.13
C MET A 16 28.96 5.93 -27.50
N ARG A 17 28.28 5.37 -28.50
CA ARG A 17 26.95 5.82 -28.89
C ARG A 17 26.04 5.91 -27.67
N ALA A 18 25.33 7.03 -27.56
CA ALA A 18 24.57 7.34 -26.35
C ALA A 18 23.56 6.27 -25.95
N ASP A 19 22.86 5.69 -26.92
CA ASP A 19 21.83 4.70 -26.61
C ASP A 19 22.42 3.37 -26.11
N ILE A 20 23.62 3.04 -26.59
CA ILE A 20 24.32 1.85 -26.07
C ILE A 20 24.73 2.12 -24.62
N CYS A 21 25.19 3.34 -24.36
CA CYS A 21 25.57 3.73 -22.99
C CYS A 21 24.41 3.58 -22.02
N VAL A 22 23.22 4.02 -22.42
CA VAL A 22 22.03 3.86 -21.58
C VAL A 22 21.75 2.38 -21.33
N HIS A 23 21.89 1.58 -22.38
CA HIS A 23 21.73 0.13 -22.25
C HIS A 23 22.72 -0.46 -21.23
N LEU A 24 23.97 0.03 -21.24
CA LEU A 24 24.98 -0.44 -20.28
C LEU A 24 24.60 -0.15 -18.82
N ASN A 25 23.67 0.77 -18.63
CA ASN A 25 23.24 1.15 -17.28
C ASN A 25 21.92 0.50 -16.84
N ARG A 26 21.38 -0.42 -17.64
CA ARG A 26 20.05 -0.96 -17.40
C ARG A 26 19.83 -1.60 -16.03
N LYS A 27 20.85 -2.23 -15.45
CA LYS A 27 20.68 -2.94 -14.18
C LYS A 27 20.23 -1.96 -13.08
N VAL A 28 20.57 -0.69 -13.26
CA VAL A 28 20.05 0.33 -12.35
C VAL A 28 18.83 1.02 -12.98
N PHE A 29 18.99 1.52 -14.20
CA PHE A 29 17.96 2.38 -14.80
C PHE A 29 16.60 1.68 -14.97
N LYS A 30 16.61 0.39 -15.28
CA LYS A 30 15.36 -0.34 -15.54
C LYS A 30 14.81 -1.01 -14.30
N GLU A 31 15.59 -1.01 -13.23
CA GLU A 31 15.19 -1.71 -12.01
C GLU A 31 14.84 -0.79 -10.86
N HIS A 32 15.55 0.34 -10.75
CA HIS A 32 15.29 1.22 -9.62
C HIS A 32 14.19 2.22 -9.98
N PRO A 33 13.14 2.27 -9.15
CA PRO A 33 11.96 3.11 -9.45
C PRO A 33 12.29 4.60 -9.53
N ALA A 34 13.38 5.04 -8.92
CA ALA A 34 13.74 6.46 -8.96
C ALA A 34 14.02 6.97 -10.39
N PHE A 35 14.35 6.06 -11.30
CA PHE A 35 14.66 6.48 -12.68
C PHE A 35 13.45 6.42 -13.60
N ARG A 36 12.29 6.13 -13.04
CA ARG A 36 11.12 5.83 -13.85
C ARG A 36 10.76 6.78 -14.99
N LEU A 37 10.72 8.08 -14.74
CA LEU A 37 10.07 8.98 -15.72
C LEU A 37 11.05 9.85 -16.48
N ALA A 38 12.32 9.46 -16.44
CA ALA A 38 13.38 10.22 -17.10
C ALA A 38 13.15 10.35 -18.61
N SER A 39 13.42 11.53 -19.17
CA SER A 39 13.41 11.69 -20.62
C SER A 39 14.66 10.99 -21.17
N ASP A 40 14.73 10.82 -22.50
CA ASP A 40 15.90 10.20 -23.09
C ASP A 40 17.13 11.07 -22.83
N GLY A 41 16.97 12.38 -22.95
CA GLY A 41 18.07 13.30 -22.71
C GLY A 41 18.59 13.13 -21.29
N CYS A 42 17.67 12.96 -20.34
CA CYS A 42 18.05 12.73 -18.95
C CYS A 42 18.78 11.40 -18.72
N LEU A 43 18.27 10.30 -19.27
CA LEU A 43 18.94 9.00 -19.14
C LEU A 43 20.34 9.01 -19.77
N ARG A 44 20.46 9.69 -20.91
CA ARG A 44 21.75 9.77 -21.58
C ARG A 44 22.79 10.53 -20.76
N ALA A 45 22.35 11.63 -20.14
CA ALA A 45 23.24 12.43 -19.30
C ALA A 45 23.70 11.64 -18.08
N LEU A 46 22.77 10.93 -17.44
CA LEU A 46 23.12 10.11 -16.28
C LEU A 46 24.02 8.96 -16.67
N ALA A 47 23.71 8.31 -17.78
CA ALA A 47 24.48 7.13 -18.21
C ALA A 47 25.95 7.46 -18.43
N MET A 48 26.24 8.66 -18.94
CA MET A 48 27.62 9.06 -19.21
C MET A 48 28.38 9.42 -17.96
N GLU A 49 27.67 9.64 -16.85
CA GLU A 49 28.32 9.99 -15.59
C GLU A 49 28.52 8.81 -14.68
N PHE A 50 27.78 7.73 -14.91
CA PHE A 50 27.85 6.57 -14.00
C PHE A 50 29.19 5.83 -14.06
N GLN A 51 29.62 5.33 -12.91
CA GLN A 51 30.85 4.56 -12.85
C GLN A 51 30.54 3.22 -12.21
N THR A 52 31.48 2.29 -12.27
CA THR A 52 31.27 0.99 -11.67
C THR A 52 32.50 0.62 -10.84
N VAL A 53 32.28 -0.10 -9.75
CA VAL A 53 33.36 -0.53 -8.86
C VAL A 53 33.19 -2.04 -8.71
N HIS A 54 34.29 -2.77 -8.88
CA HIS A 54 34.26 -4.23 -8.77
C HIS A 54 35.14 -4.61 -7.58
N CYS A 55 34.62 -5.35 -6.61
CA CYS A 55 35.42 -5.64 -5.40
C CYS A 55 35.53 -7.12 -5.18
N ALA A 56 36.62 -7.55 -4.55
CA ALA A 56 36.79 -8.96 -4.16
C ALA A 56 36.35 -9.10 -2.70
N PRO A 57 36.07 -10.34 -2.24
CA PRO A 57 35.72 -10.53 -0.82
C PRO A 57 36.77 -9.92 0.09
N GLY A 58 36.36 -9.14 1.06
CA GLY A 58 37.30 -8.50 1.98
C GLY A 58 37.73 -7.10 1.56
N ASP A 59 37.52 -6.73 0.30
CA ASP A 59 37.88 -5.39 -0.17
C ASP A 59 36.99 -4.36 0.51
N LEU A 60 37.54 -3.19 0.83
CA LEU A 60 36.72 -2.13 1.41
C LEU A 60 36.29 -1.17 0.32
N ILE A 61 34.99 -0.84 0.33
CA ILE A 61 34.44 0.14 -0.58
C ILE A 61 34.71 1.53 0.02
N TYR A 62 34.41 1.67 1.32
CA TYR A 62 34.74 2.84 2.13
C TYR A 62 35.36 2.41 3.44
N HIS A 63 36.30 3.20 3.95
CA HIS A 63 36.69 3.14 5.36
C HIS A 63 36.04 4.28 6.12
N ALA A 64 35.69 4.02 7.38
CA ALA A 64 35.22 5.08 8.27
C ALA A 64 36.21 6.21 8.23
N GLY A 65 35.71 7.44 8.10
CA GLY A 65 36.58 8.59 8.07
C GLY A 65 36.83 9.08 6.65
N GLU A 66 36.54 8.24 5.66
CA GLU A 66 36.79 8.62 4.27
C GLU A 66 35.61 9.45 3.74
N SER A 67 35.89 10.33 2.80
CA SER A 67 34.86 11.20 2.23
C SER A 67 33.89 10.42 1.34
N VAL A 68 32.59 10.69 1.48
CA VAL A 68 31.55 10.02 0.71
C VAL A 68 30.97 11.03 -0.30
N ASP A 69 31.32 10.88 -1.58
CA ASP A 69 30.94 11.88 -2.59
C ASP A 69 30.00 11.31 -3.66
N SER A 70 29.55 10.07 -3.47
CA SER A 70 28.76 9.36 -4.49
C SER A 70 27.56 8.63 -3.91
N LEU A 71 26.55 8.39 -4.76
CA LEU A 71 25.46 7.48 -4.42
C LEU A 71 25.85 6.14 -5.00
N CYS A 72 25.71 5.07 -4.20
CA CYS A 72 26.20 3.76 -4.59
C CYS A 72 25.08 2.75 -4.66
N PHE A 73 24.97 2.08 -5.81
CA PHE A 73 23.91 1.09 -6.02
C PHE A 73 24.54 -0.30 -6.12
N VAL A 74 24.10 -1.23 -5.28
CA VAL A 74 24.64 -2.60 -5.35
C VAL A 74 23.94 -3.32 -6.49
N VAL A 75 24.70 -3.79 -7.46
CA VAL A 75 24.07 -4.50 -8.58
C VAL A 75 24.35 -5.99 -8.53
N SER A 76 25.39 -6.40 -7.82
CA SER A 76 25.68 -7.82 -7.67
C SER A 76 26.47 -8.00 -6.38
N GLY A 77 26.22 -9.09 -5.64
CA GLY A 77 27.02 -9.41 -4.48
C GLY A 77 26.44 -8.88 -3.18
N SER A 78 27.19 -9.07 -2.09
CA SER A 78 26.75 -8.72 -0.74
C SER A 78 27.89 -8.01 -0.02
N LEU A 79 27.54 -7.05 0.83
CA LEU A 79 28.52 -6.30 1.60
C LEU A 79 28.07 -6.19 3.05
N GLU A 80 29.01 -5.97 3.95
CA GLU A 80 28.67 -5.70 5.36
C GLU A 80 29.06 -4.28 5.70
N VAL A 81 28.23 -3.64 6.51
CA VAL A 81 28.54 -2.32 7.02
C VAL A 81 28.96 -2.52 8.47
N ILE A 82 30.13 -2.01 8.82
CA ILE A 82 30.73 -2.26 10.11
C ILE A 82 31.01 -0.94 10.81
N GLN A 83 30.53 -0.80 12.04
CA GLN A 83 30.80 0.39 12.83
C GLN A 83 31.26 -0.03 14.23
N ASP A 84 32.36 0.53 14.70
CA ASP A 84 32.89 0.16 16.00
C ASP A 84 33.09 -1.36 16.11
N ASP A 85 33.57 -1.97 15.02
CA ASP A 85 33.88 -3.39 14.97
C ASP A 85 32.67 -4.32 15.10
N GLU A 86 31.48 -3.80 14.79
CA GLU A 86 30.27 -4.62 14.81
C GLU A 86 29.55 -4.50 13.47
N VAL A 87 28.94 -5.60 13.03
CA VAL A 87 28.09 -5.55 11.83
C VAL A 87 26.82 -4.80 12.18
N VAL A 88 26.52 -3.76 11.43
CA VAL A 88 25.29 -2.98 11.66
C VAL A 88 24.33 -3.08 10.47
N ALA A 89 24.83 -3.60 9.35
CA ALA A 89 23.96 -3.88 8.19
C ALA A 89 24.60 -4.86 7.20
N ILE A 90 23.73 -5.60 6.50
CA ILE A 90 24.17 -6.40 5.35
C ILE A 90 23.45 -5.87 4.12
N LEU A 91 24.22 -5.49 3.09
CA LEU A 91 23.64 -4.92 1.87
C LEU A 91 23.70 -5.93 0.73
N GLY A 92 22.75 -5.86 -0.19
CA GLY A 92 22.69 -6.83 -1.27
C GLY A 92 22.14 -6.15 -2.51
N LYS A 93 21.94 -6.93 -3.56
CA LYS A 93 21.50 -6.42 -4.85
C LYS A 93 20.26 -5.53 -4.69
N GLY A 94 20.30 -4.33 -5.26
CA GLY A 94 19.16 -3.43 -5.18
C GLY A 94 19.29 -2.37 -4.08
N ASP A 95 20.19 -2.59 -3.13
CA ASP A 95 20.39 -1.62 -2.05
C ASP A 95 21.12 -0.38 -2.54
N VAL A 96 20.86 0.76 -1.89
CA VAL A 96 21.48 2.03 -2.24
C VAL A 96 22.09 2.59 -0.96
N PHE A 97 23.34 3.04 -1.03
CA PHE A 97 23.94 3.65 0.16
C PHE A 97 24.74 4.88 -0.17
N GLY A 98 24.96 5.72 0.82
CA GLY A 98 25.64 6.99 0.59
C GLY A 98 25.23 7.95 1.68
N ASP A 99 25.21 9.25 1.35
CA ASP A 99 24.85 10.31 2.30
C ASP A 99 23.36 10.60 2.15
N VAL A 100 22.62 10.58 3.25
CA VAL A 100 21.19 10.92 3.20
C VAL A 100 21.01 12.32 2.63
N PHE A 101 21.98 13.20 2.89
CA PHE A 101 21.96 14.56 2.37
C PHE A 101 22.67 14.74 1.02
N TRP A 102 22.66 13.70 0.19
CA TRP A 102 23.37 13.74 -1.11
C TRP A 102 22.93 14.90 -1.98
N LYS A 103 21.67 15.32 -1.85
CA LYS A 103 21.12 16.34 -2.74
C LYS A 103 21.72 17.72 -2.49
N GLU A 104 21.91 18.08 -1.23
CA GLU A 104 22.35 19.44 -0.90
C GLU A 104 23.78 19.53 -0.37
N ALA A 105 24.29 18.44 0.18
CA ALA A 105 25.61 18.48 0.81
C ALA A 105 26.70 18.02 -0.16
N THR A 106 27.80 18.77 -0.19
CA THR A 106 28.94 18.43 -1.06
C THR A 106 29.55 17.09 -0.64
N LEU A 107 29.76 16.95 0.66
CA LEU A 107 30.51 15.83 1.20
C LEU A 107 29.88 15.33 2.49
N ALA A 108 30.02 14.04 2.71
CA ALA A 108 29.86 13.46 4.05
C ALA A 108 31.13 12.68 4.35
N GLN A 109 31.49 12.57 5.63
CA GLN A 109 32.60 11.72 6.05
C GLN A 109 32.00 10.42 6.59
N SER A 110 32.42 9.27 6.06
CA SER A 110 31.78 8.00 6.44
C SER A 110 31.95 7.64 7.92
N CYS A 111 30.86 7.22 8.55
CA CYS A 111 30.91 6.76 9.94
C CYS A 111 31.10 5.24 10.04
N ALA A 112 31.23 4.56 8.92
CA ALA A 112 31.32 3.10 8.93
C ALA A 112 32.23 2.61 7.83
N ASN A 113 32.81 1.42 8.03
CA ASN A 113 33.50 0.73 6.96
C ASN A 113 32.45 -0.01 6.15
N VAL A 114 32.66 -0.13 4.85
CA VAL A 114 31.77 -0.92 4.00
C VAL A 114 32.64 -1.96 3.30
N ARG A 115 32.40 -3.22 3.61
CA ARG A 115 33.33 -4.30 3.18
C ARG A 115 32.61 -5.38 2.39
N ALA A 116 33.16 -5.76 1.24
CA ALA A 116 32.55 -6.78 0.39
C ALA A 116 32.61 -8.14 1.09
N LEU A 117 31.51 -8.88 1.07
CA LEU A 117 31.49 -10.23 1.63
C LEU A 117 31.72 -11.24 0.54
N THR A 118 31.34 -10.87 -0.68
CA THR A 118 31.52 -11.69 -1.86
C THR A 118 32.16 -10.79 -2.90
N TYR A 119 32.44 -11.34 -4.08
CA TYR A 119 32.71 -10.50 -5.24
C TYR A 119 31.48 -9.61 -5.41
N CYS A 120 31.71 -8.31 -5.60
CA CYS A 120 30.64 -7.31 -5.60
C CYS A 120 30.81 -6.36 -6.77
N ASP A 121 29.69 -5.96 -7.37
CA ASP A 121 29.71 -4.92 -8.39
C ASP A 121 28.79 -3.79 -7.94
N LEU A 122 29.30 -2.56 -7.96
CA LEU A 122 28.51 -1.38 -7.64
C LEU A 122 28.44 -0.46 -8.85
N HIS A 123 27.31 0.20 -9.06
CA HIS A 123 27.23 1.32 -9.98
C HIS A 123 27.14 2.54 -9.10
N VAL A 124 27.99 3.53 -9.35
CA VAL A 124 28.08 4.69 -8.46
C VAL A 124 28.05 5.96 -9.29
N ILE A 125 27.46 7.02 -8.74
CA ILE A 125 27.48 8.29 -9.44
C ILE A 125 27.84 9.37 -8.44
N LYS A 126 28.79 10.23 -8.80
CA LYS A 126 29.15 11.35 -7.93
C LYS A 126 27.97 12.28 -7.75
N ARG A 127 27.74 12.76 -6.53
CA ARG A 127 26.55 13.57 -6.30
C ARG A 127 26.64 14.94 -6.96
N ASP A 128 27.85 15.47 -7.22
CA ASP A 128 27.90 16.73 -7.94
C ASP A 128 27.44 16.57 -9.41
N ALA A 129 27.79 15.48 -10.05
CA ALA A 129 27.33 15.21 -11.42
C ALA A 129 25.82 14.94 -11.45
N LEU A 130 25.33 14.20 -10.46
CA LEU A 130 23.89 13.94 -10.35
C LEU A 130 23.11 15.24 -10.15
N GLN A 131 23.62 16.11 -9.29
CA GLN A 131 22.92 17.35 -8.99
C GLN A 131 22.83 18.25 -10.22
N LYS A 132 23.85 18.22 -11.06
CA LYS A 132 23.84 19.04 -12.28
C LYS A 132 22.70 18.58 -13.19
N VAL A 133 22.51 17.27 -13.28
CA VAL A 133 21.41 16.71 -14.07
C VAL A 133 20.05 17.09 -13.48
N LEU A 134 19.90 16.91 -12.18
CA LEU A 134 18.61 17.16 -11.52
C LEU A 134 18.25 18.63 -11.52
N GLU A 135 19.25 19.51 -11.57
CA GLU A 135 18.97 20.93 -11.61
C GLU A 135 18.47 21.34 -12.98
N PHE A 136 18.68 20.49 -13.98
CA PHE A 136 18.16 20.77 -15.31
C PHE A 136 16.78 20.13 -15.51
N TYR A 137 16.70 18.84 -15.20
CA TYR A 137 15.44 18.09 -15.32
C TYR A 137 14.62 18.21 -14.03
N THR A 138 13.98 19.36 -13.89
CA THR A 138 13.34 19.77 -12.65
C THR A 138 12.24 18.82 -12.21
N ALA A 139 11.41 18.39 -13.15
CA ALA A 139 10.35 17.44 -12.79
C ALA A 139 10.98 16.11 -12.37
N PHE A 140 11.98 15.65 -13.11
CA PHE A 140 12.65 14.40 -12.74
C PHE A 140 13.25 14.48 -11.34
N SER A 141 13.81 15.63 -11.02
CA SER A 141 14.39 15.83 -9.69
C SER A 141 13.37 15.54 -8.58
N HIS A 142 12.11 15.91 -8.77
CA HIS A 142 11.08 15.62 -7.78
C HIS A 142 10.81 14.13 -7.67
N SER A 143 10.61 13.45 -8.80
CA SER A 143 10.27 12.02 -8.75
C SER A 143 11.48 11.17 -8.34
N PHE A 144 12.67 11.60 -8.77
CA PHE A 144 13.87 10.88 -8.38
C PHE A 144 14.07 10.91 -6.86
N SER A 145 14.06 12.10 -6.24
CA SER A 145 14.39 12.19 -4.81
C SER A 145 13.28 11.55 -3.96
N ARG A 146 12.05 11.65 -4.44
CA ARG A 146 10.90 10.99 -3.83
C ARG A 146 11.11 9.49 -3.68
N ASN A 147 11.66 8.87 -4.72
CA ASN A 147 11.77 7.43 -4.76
C ASN A 147 13.17 6.87 -4.46
N LEU A 148 14.11 7.76 -4.13
CA LEU A 148 15.47 7.32 -3.80
C LEU A 148 15.62 7.17 -2.29
N ILE A 149 15.46 5.95 -1.80
CA ILE A 149 15.56 5.71 -0.36
C ILE A 149 16.84 4.91 -0.08
N LEU A 150 17.72 5.45 0.76
CA LEU A 150 18.96 4.77 1.10
C LEU A 150 18.70 3.61 2.05
N THR A 151 19.32 2.46 1.79
CA THR A 151 19.28 1.36 2.76
C THR A 151 20.23 1.65 3.92
N TYR A 152 21.33 2.36 3.63
CA TYR A 152 22.22 2.76 4.70
C TYR A 152 22.76 4.17 4.46
N ASN A 153 22.72 4.98 5.52
CA ASN A 153 23.16 6.36 5.49
C ASN A 153 24.51 6.48 6.19
N LEU A 154 25.58 6.65 5.42
CA LEU A 154 26.93 6.62 5.97
C LEU A 154 27.27 7.87 6.80
N ARG A 155 26.42 8.89 6.74
CA ARG A 155 26.71 10.13 7.47
C ARG A 155 26.52 9.98 8.98
N LYS A 156 25.59 9.12 9.39
CA LYS A 156 25.20 9.08 10.79
C LYS A 156 25.79 7.91 11.57
N ARG A 157 26.33 8.19 12.75
CA ARG A 157 26.79 7.15 13.68
C ARG A 157 25.58 6.50 14.29
N ILE A 158 25.54 5.17 14.32
CA ILE A 158 24.50 4.46 15.06
C ILE A 158 24.88 4.47 16.54
N VAL A 159 23.92 4.83 17.38
CA VAL A 159 24.14 4.77 18.83
C VAL A 159 23.71 3.40 19.32
N PHE A 160 24.67 2.61 19.80
CA PHE A 160 24.34 1.29 20.32
C PHE A 160 25.33 0.92 21.41
N ARG A 161 24.99 -0.10 22.18
CA ARG A 161 25.92 -0.63 23.15
C ARG A 161 26.08 -2.13 22.95
N LYS A 162 27.27 -2.63 23.24
CA LYS A 162 27.52 -4.06 23.24
C LYS A 162 27.04 -4.66 24.56
N ILE A 163 26.38 -5.81 24.47
CA ILE A 163 25.83 -6.48 25.66
C ILE A 163 26.89 -6.73 26.74
N SER A 164 28.10 -7.07 26.32
CA SER A 164 29.17 -7.32 27.29
C SER A 164 29.63 -6.07 28.06
N ASP A 165 29.67 -4.93 27.38
CA ASP A 165 30.06 -3.69 28.04
C ASP A 165 29.02 -3.24 29.08
N VAL A 166 27.75 -3.50 28.80
CA VAL A 166 26.67 -3.20 29.73
C VAL A 166 26.75 -4.12 30.95
N LYS A 167 27.09 -5.39 30.69
CA LYS A 167 27.18 -6.38 31.75
C LYS A 167 28.30 -6.04 32.73
N ARG A 168 29.45 -5.66 32.20
CA ARG A 168 30.58 -5.23 33.03
C ARG A 168 30.22 -3.98 33.81
N GLU A 169 29.70 -2.97 33.09
CA GLU A 169 29.30 -1.70 33.69
C GLU A 169 28.12 -1.87 34.66
N GLU A 170 27.46 -3.01 34.61
CA GLU A 170 26.47 -3.35 35.63
C GLU A 170 27.18 -3.89 36.86
N GLU A 171 28.03 -4.89 36.64
CA GLU A 171 28.81 -5.53 37.71
C GLU A 171 29.64 -4.53 38.53
N GLU A 172 29.96 -3.39 37.93
CA GLU A 172 30.81 -2.39 38.58
C GLU A 172 30.04 -1.17 39.11
N ARG A 173 28.80 -1.39 39.53
CA ARG A 173 28.00 -0.33 40.17
C ARG A 173 27.04 -0.89 41.22
N THR B 14 30.56 -14.24 6.63
CA THR B 14 30.84 -15.47 7.36
C THR B 14 29.56 -16.18 7.77
N PHE B 15 29.24 -16.15 9.06
CA PHE B 15 28.00 -16.73 9.55
C PHE B 15 26.78 -15.94 9.05
N LEU B 16 26.96 -14.65 8.78
CA LEU B 16 25.86 -13.82 8.26
C LEU B 16 25.56 -14.16 6.80
N GLU B 17 26.61 -14.20 5.97
CA GLU B 17 26.46 -14.55 4.56
C GLU B 17 25.91 -15.97 4.40
N ASN B 18 26.48 -16.92 5.15
CA ASN B 18 26.05 -18.31 5.12
C ASN B 18 24.54 -18.50 5.38
N ILE B 19 23.98 -17.67 6.26
CA ILE B 19 22.57 -17.76 6.60
C ILE B 19 21.63 -17.23 5.51
N VAL B 20 21.97 -16.07 4.94
CA VAL B 20 21.18 -15.41 3.89
C VAL B 20 20.70 -16.39 2.79
N ARG B 21 21.51 -17.42 2.54
CA ARG B 21 21.09 -18.55 1.72
C ARG B 21 20.72 -19.75 2.59
N ARG B 22 19.57 -20.36 2.33
CA ARG B 22 18.66 -19.93 1.27
C ARG B 22 17.33 -19.44 1.83
N SER B 23 16.67 -18.55 1.10
CA SER B 23 15.38 -18.00 1.48
C SER B 23 14.37 -19.11 1.81
N ASN B 24 14.45 -20.22 1.08
CA ASN B 24 13.57 -21.39 1.29
C ASN B 24 12.09 -21.04 1.30
N ASP B 25 11.76 -19.93 0.63
CA ASP B 25 10.42 -19.34 0.65
C ASP B 25 10.01 -18.87 2.04
N THR B 26 10.97 -18.70 2.94
CA THR B 26 10.67 -18.21 4.29
C THR B 26 10.84 -16.68 4.42
N ASN B 27 10.26 -16.14 5.48
CA ASN B 27 10.31 -14.73 5.80
C ASN B 27 11.19 -14.59 7.02
N PHE B 28 12.33 -13.92 6.90
CA PHE B 28 13.25 -13.84 8.04
C PHE B 28 14.01 -12.52 8.18
N VAL B 29 14.50 -12.29 9.39
CA VAL B 29 15.45 -11.23 9.65
C VAL B 29 16.63 -11.83 10.38
N LEU B 30 17.76 -11.10 10.39
CA LEU B 30 18.96 -11.50 11.13
C LEU B 30 19.29 -10.39 12.13
N GLY B 31 19.29 -10.71 13.42
CA GLY B 31 19.64 -9.72 14.42
C GLY B 31 21.06 -9.90 14.93
N ASN B 32 21.76 -8.81 15.21
CA ASN B 32 23.10 -8.94 15.79
C ASN B 32 22.97 -9.39 17.25
N ALA B 33 23.52 -10.56 17.56
CA ALA B 33 23.35 -11.14 18.89
C ALA B 33 24.20 -10.49 19.98
N GLN B 34 25.20 -9.72 19.57
CA GLN B 34 26.15 -9.10 20.50
C GLN B 34 25.79 -7.67 20.91
N ILE B 35 24.70 -7.14 20.35
CA ILE B 35 24.33 -5.74 20.57
C ILE B 35 23.00 -5.62 21.29
N VAL B 36 22.91 -4.71 22.25
CA VAL B 36 21.68 -4.53 23.05
C VAL B 36 20.48 -4.28 22.14
N ASP B 37 19.36 -4.95 22.43
CA ASP B 37 18.13 -4.93 21.62
C ASP B 37 18.23 -5.79 20.35
N TRP B 38 19.40 -6.37 20.12
CA TRP B 38 19.60 -7.33 19.04
C TRP B 38 19.13 -6.77 17.70
N PRO B 39 19.76 -5.68 17.24
CA PRO B 39 19.26 -4.96 16.06
C PRO B 39 19.35 -5.76 14.77
N ILE B 40 18.31 -5.63 13.96
CA ILE B 40 18.27 -6.28 12.65
C ILE B 40 19.34 -5.71 11.72
N VAL B 41 20.15 -6.58 11.12
CA VAL B 41 21.13 -6.12 10.14
C VAL B 41 20.71 -6.57 8.73
N TYR B 42 19.67 -7.40 8.65
CA TYR B 42 19.19 -7.90 7.37
C TYR B 42 17.75 -8.42 7.44
N SER B 43 16.96 -8.10 6.43
CA SER B 43 15.61 -8.68 6.31
C SER B 43 15.40 -9.04 4.85
N ASN B 44 14.74 -10.15 4.56
CA ASN B 44 14.60 -10.57 3.16
C ASN B 44 13.30 -10.05 2.60
N ASP B 45 13.11 -10.20 1.29
CA ASP B 45 11.92 -9.69 0.62
C ASP B 45 10.66 -10.24 1.26
N GLY B 46 10.71 -11.54 1.57
CA GLY B 46 9.58 -12.22 2.20
C GLY B 46 9.13 -11.53 3.48
N PHE B 47 10.08 -11.19 4.35
CA PHE B 47 9.71 -10.49 5.59
C PHE B 47 9.11 -9.12 5.30
N CYS B 48 9.69 -8.41 4.34
CA CYS B 48 9.24 -7.07 4.05
C CYS B 48 7.85 -7.08 3.46
N LYS B 49 7.57 -8.06 2.59
CA LYS B 49 6.24 -8.26 2.04
C LYS B 49 5.23 -8.61 3.15
N LEU B 50 5.62 -9.54 4.02
CA LEU B 50 4.73 -10.01 5.08
C LEU B 50 4.38 -8.91 6.07
N SER B 51 5.41 -8.19 6.53
CA SER B 51 5.25 -7.16 7.56
C SER B 51 4.70 -5.85 6.99
N GLY B 52 4.94 -5.63 5.70
CA GLY B 52 4.50 -4.39 5.07
C GLY B 52 5.54 -3.28 5.11
N TYR B 53 6.65 -3.54 5.79
CA TYR B 53 7.71 -2.55 5.96
C TYR B 53 8.78 -2.64 4.87
N HIS B 54 9.33 -1.49 4.50
CA HIS B 54 10.46 -1.40 3.60
C HIS B 54 11.73 -1.88 4.31
N ARG B 55 12.63 -2.52 3.57
CA ARG B 55 13.86 -3.01 4.13
C ARG B 55 14.65 -1.90 4.86
N ALA B 56 14.64 -0.69 4.30
CA ALA B 56 15.39 0.41 4.88
C ALA B 56 14.86 0.82 6.26
N GLU B 57 13.55 0.74 6.47
CA GLU B 57 12.99 1.06 7.80
C GLU B 57 13.11 -0.10 8.81
N VAL B 58 13.23 -1.33 8.32
CA VAL B 58 13.39 -2.50 9.21
C VAL B 58 14.80 -2.52 9.81
N MET B 59 15.77 -2.01 9.04
CA MET B 59 17.18 -2.00 9.44
C MET B 59 17.38 -1.35 10.80
N GLN B 60 18.09 -2.04 11.69
CA GLN B 60 18.42 -1.57 13.05
C GLN B 60 17.24 -1.52 14.04
N LYS B 61 16.05 -1.93 13.62
CA LYS B 61 14.97 -2.20 14.57
C LYS B 61 15.35 -3.44 15.35
N SER B 62 14.78 -3.61 16.55
CA SER B 62 15.07 -4.82 17.34
C SER B 62 14.51 -6.06 16.67
N SER B 63 15.27 -7.14 16.64
CA SER B 63 14.78 -8.37 15.98
C SER B 63 13.71 -9.08 16.81
N ALA B 64 13.49 -8.62 18.04
CA ALA B 64 12.33 -9.07 18.81
C ALA B 64 11.05 -8.42 18.29
N CYS B 65 11.22 -7.48 17.37
CA CYS B 65 10.11 -6.82 16.67
C CYS B 65 9.19 -5.95 17.52
N SER B 66 9.76 -5.26 18.50
CA SER B 66 8.97 -4.37 19.33
C SER B 66 8.31 -3.30 18.45
N PHE B 67 8.94 -2.96 17.32
CA PHE B 67 8.36 -1.95 16.44
C PHE B 67 7.00 -2.36 15.85
N MET B 68 6.66 -3.64 15.96
CA MET B 68 5.38 -4.14 15.46
C MET B 68 4.37 -4.45 16.57
N TYR B 69 4.74 -4.27 17.84
CA TYR B 69 3.80 -4.52 18.94
C TYR B 69 2.72 -3.45 18.94
N GLY B 70 1.55 -3.77 19.51
CA GLY B 70 0.50 -2.78 19.65
C GLY B 70 -0.42 -3.18 20.79
N GLU B 71 -1.58 -2.54 20.86
CA GLU B 71 -2.50 -2.71 21.99
C GLU B 71 -2.84 -4.17 22.29
N LEU B 72 -3.06 -4.96 21.24
CA LEU B 72 -3.54 -6.33 21.43
C LEU B 72 -2.43 -7.36 21.70
N THR B 73 -1.17 -6.94 21.52
CA THR B 73 -0.03 -7.86 21.69
C THR B 73 0.05 -8.33 23.13
N ASP B 74 0.26 -9.62 23.34
CA ASP B 74 0.26 -10.20 24.68
C ASP B 74 1.58 -9.89 25.39
N LYS B 75 1.53 -9.11 26.46
CA LYS B 75 2.76 -8.65 27.11
C LYS B 75 3.52 -9.79 27.79
N ASP B 76 2.83 -10.89 28.09
CA ASP B 76 3.51 -12.05 28.67
C ASP B 76 4.32 -12.74 27.57
N THR B 77 3.74 -12.82 26.37
CA THR B 77 4.46 -13.37 25.23
C THR B 77 5.67 -12.49 24.88
N VAL B 78 5.51 -11.17 24.99
CA VAL B 78 6.61 -10.26 24.74
C VAL B 78 7.80 -10.60 25.64
N GLU B 79 7.50 -10.87 26.91
CA GLU B 79 8.55 -11.13 27.90
C GLU B 79 9.26 -12.45 27.64
N LYS B 80 8.51 -13.45 27.18
CA LYS B 80 9.10 -14.74 26.87
C LYS B 80 9.96 -14.70 25.60
N VAL B 81 9.53 -13.91 24.62
CA VAL B 81 10.34 -13.68 23.42
C VAL B 81 11.66 -13.03 23.81
N ARG B 82 11.59 -11.99 24.64
CA ARG B 82 12.78 -11.28 25.10
C ARG B 82 13.69 -12.21 25.88
N GLN B 83 13.12 -13.05 26.74
CA GLN B 83 13.90 -14.02 27.51
C GLN B 83 14.65 -15.02 26.61
N THR B 84 14.04 -15.37 25.49
CA THR B 84 14.65 -16.28 24.52
C THR B 84 15.96 -15.68 24.00
N PHE B 85 15.93 -14.40 23.66
CA PHE B 85 17.11 -13.69 23.21
C PHE B 85 18.15 -13.59 24.33
N GLU B 86 17.70 -13.27 25.54
CA GLU B 86 18.61 -13.08 26.66
C GLU B 86 19.33 -14.38 27.06
N ASN B 87 18.67 -15.52 26.83
CA ASN B 87 19.24 -16.80 27.20
C ASN B 87 19.80 -17.58 26.01
N TYR B 88 19.80 -16.98 24.83
CA TYR B 88 20.34 -17.62 23.63
C TYR B 88 19.72 -18.98 23.39
N GLU B 89 18.39 -19.01 23.42
CA GLU B 89 17.65 -20.25 23.25
C GLU B 89 16.92 -20.25 21.93
N MET B 90 16.62 -21.44 21.44
CA MET B 90 15.74 -21.59 20.29
C MET B 90 14.33 -21.87 20.80
N ASN B 91 13.39 -20.99 20.48
CA ASN B 91 11.98 -21.19 20.81
C ASN B 91 11.07 -20.70 19.71
N SER B 92 9.82 -21.15 19.73
CA SER B 92 8.78 -20.68 18.81
C SER B 92 7.61 -20.12 19.60
N PHE B 93 6.94 -19.11 19.03
CA PHE B 93 5.80 -18.45 19.67
C PHE B 93 4.75 -18.09 18.65
N GLU B 94 3.52 -17.90 19.11
CA GLU B 94 2.55 -17.17 18.31
C GLU B 94 2.30 -15.85 19.00
N ILE B 95 2.35 -14.78 18.22
CA ILE B 95 2.23 -13.44 18.77
C ILE B 95 1.43 -12.56 17.83
N LEU B 96 0.57 -11.73 18.42
CA LEU B 96 -0.25 -10.82 17.65
C LEU B 96 0.55 -9.54 17.49
N MET B 97 0.89 -9.21 16.23
CA MET B 97 1.64 -8.00 15.95
C MET B 97 0.96 -7.25 14.81
N TYR B 98 1.41 -6.02 14.57
CA TYR B 98 0.74 -5.12 13.65
C TYR B 98 1.57 -4.88 12.40
N LYS B 99 0.96 -5.10 11.24
CA LYS B 99 1.64 -4.83 9.98
C LYS B 99 1.76 -3.33 9.87
N LYS B 100 2.61 -2.87 8.96
CA LYS B 100 2.75 -1.45 8.74
C LYS B 100 1.39 -0.80 8.47
N ASN B 101 0.49 -1.48 7.77
CA ASN B 101 -0.83 -0.88 7.50
C ASN B 101 -1.79 -0.94 8.70
N ARG B 102 -1.23 -1.30 9.86
CA ARG B 102 -1.94 -1.31 11.15
C ARG B 102 -2.90 -2.47 11.36
N THR B 103 -2.94 -3.43 10.43
CA THR B 103 -3.78 -4.60 10.64
C THR B 103 -3.08 -5.59 11.59
N PRO B 104 -3.79 -6.02 12.64
CA PRO B 104 -3.25 -6.98 13.60
C PRO B 104 -3.26 -8.39 13.03
N VAL B 105 -2.11 -9.06 13.08
CA VAL B 105 -1.97 -10.38 12.48
C VAL B 105 -1.35 -11.33 13.49
N TRP B 106 -1.85 -12.56 13.56
CA TRP B 106 -1.21 -13.58 14.38
C TRP B 106 -0.04 -14.16 13.60
N PHE B 107 1.16 -14.01 14.16
CA PHE B 107 2.38 -14.51 13.54
C PHE B 107 2.88 -15.71 14.31
N PHE B 108 3.31 -16.73 13.58
CA PHE B 108 4.12 -17.79 14.15
C PHE B 108 5.57 -17.36 13.97
N VAL B 109 6.31 -17.30 15.07
CA VAL B 109 7.66 -16.75 15.11
C VAL B 109 8.62 -17.74 15.70
N LYS B 110 9.63 -18.12 14.92
CA LYS B 110 10.70 -18.96 15.43
C LYS B 110 11.98 -18.15 15.59
N ILE B 111 12.63 -18.28 16.74
CA ILE B 111 13.87 -17.57 17.01
C ILE B 111 14.96 -18.59 17.22
N ALA B 112 16.06 -18.47 16.47
CA ALA B 112 17.16 -19.41 16.53
C ALA B 112 18.50 -18.69 16.66
N PRO B 113 19.21 -18.94 17.77
CA PRO B 113 20.52 -18.33 17.89
C PRO B 113 21.48 -19.04 16.95
N ILE B 114 22.34 -18.30 16.26
CA ILE B 114 23.28 -18.93 15.33
C ILE B 114 24.73 -18.70 15.76
N ARG B 115 25.48 -19.78 15.85
CA ARG B 115 26.85 -19.74 16.39
C ARG B 115 27.90 -19.83 15.29
N ASN B 116 29.02 -19.15 15.49
CA ASN B 116 30.13 -19.25 14.54
C ASN B 116 30.98 -20.50 14.80
N GLU B 117 32.11 -20.59 14.12
CA GLU B 117 33.02 -21.73 14.26
C GLU B 117 33.53 -21.90 15.69
N GLN B 118 33.68 -20.78 16.40
CA GLN B 118 34.13 -20.80 17.79
C GLN B 118 32.95 -20.96 18.75
N ASP B 119 31.80 -21.36 18.22
CA ASP B 119 30.60 -21.64 19.00
C ASP B 119 30.08 -20.44 19.79
N LYS B 120 30.41 -19.23 19.34
CA LYS B 120 29.87 -18.02 19.95
C LYS B 120 28.64 -17.55 19.17
N VAL B 121 27.59 -17.16 19.88
CA VAL B 121 26.38 -16.67 19.22
C VAL B 121 26.65 -15.32 18.58
N VAL B 122 26.60 -15.26 17.26
CA VAL B 122 26.88 -14.02 16.54
C VAL B 122 25.58 -13.38 16.03
N LEU B 123 24.57 -14.20 15.79
CA LEU B 123 23.30 -13.65 15.32
C LEU B 123 22.08 -14.48 15.71
N PHE B 124 20.91 -13.84 15.64
CA PHE B 124 19.65 -14.55 15.83
C PHE B 124 18.95 -14.62 14.49
N LEU B 125 18.56 -15.83 14.08
CA LEU B 125 17.73 -16.01 12.88
C LEU B 125 16.28 -16.08 13.32
N CYS B 126 15.51 -15.06 12.93
CA CYS B 126 14.11 -14.98 13.31
C CYS B 126 13.21 -15.12 12.11
N THR B 127 12.36 -16.15 12.10
CA THR B 127 11.51 -16.46 10.95
C THR B 127 10.03 -16.30 11.28
N PHE B 128 9.27 -15.78 10.32
CA PHE B 128 7.91 -15.34 10.56
C PHE B 128 6.91 -15.85 9.51
N SER B 129 5.71 -16.19 9.96
CA SER B 129 4.63 -16.51 9.03
C SER B 129 3.28 -16.09 9.61
N ASP B 130 2.40 -15.64 8.72
CA ASP B 130 1.01 -15.40 9.08
C ASP B 130 0.36 -16.76 9.29
N ILE B 131 -0.31 -16.97 10.43
CA ILE B 131 -0.87 -18.30 10.71
C ILE B 131 -2.04 -18.68 9.79
N THR B 132 -2.65 -17.70 9.13
CA THR B 132 -3.74 -17.99 8.20
C THR B 132 -3.27 -18.24 6.75
N ALA B 133 -1.97 -18.07 6.52
CA ALA B 133 -1.36 -18.46 5.25
C ALA B 133 -1.12 -19.96 5.30
N PHE B 134 -0.72 -20.54 4.16
CA PHE B 134 -0.59 -21.99 4.06
C PHE B 134 0.38 -22.37 2.96
N MET C 3 11.90 39.01 -29.19
CA MET C 3 12.23 39.17 -27.78
C MET C 3 13.38 40.15 -27.59
N GLY C 4 14.10 40.43 -28.67
CA GLY C 4 15.10 41.47 -28.63
C GLY C 4 14.48 42.84 -28.86
N THR C 5 13.45 42.86 -29.70
CA THR C 5 12.87 44.11 -30.20
C THR C 5 12.19 45.01 -29.18
N GLU C 6 11.70 46.15 -29.67
CA GLU C 6 10.91 47.09 -28.88
C GLU C 6 9.45 46.64 -28.84
N LYS C 7 9.21 45.42 -29.30
CA LYS C 7 7.88 44.79 -29.23
C LYS C 7 7.53 44.42 -27.79
N VAL C 8 8.52 44.52 -26.90
CA VAL C 8 8.34 44.18 -25.50
C VAL C 8 7.95 45.42 -24.69
N LEU C 9 6.73 45.40 -24.16
CA LEU C 9 6.16 46.52 -23.42
C LEU C 9 6.16 46.21 -21.93
N GLN C 10 6.23 47.25 -21.11
CA GLN C 10 6.08 47.09 -19.67
C GLN C 10 4.63 46.70 -19.38
N ILE C 11 4.41 45.78 -18.45
CA ILE C 11 3.04 45.51 -18.04
C ILE C 11 2.48 46.72 -17.28
N CYS C 12 3.29 47.28 -16.39
CA CYS C 12 2.84 48.37 -15.53
C CYS C 12 3.47 49.71 -15.88
N PRO C 13 2.65 50.75 -16.06
CA PRO C 13 3.18 52.11 -16.12
C PRO C 13 3.92 52.39 -14.82
N LYS C 14 4.98 53.18 -14.85
CA LYS C 14 5.83 53.30 -13.68
C LYS C 14 5.17 54.05 -12.50
N ASP C 15 4.22 54.93 -12.81
CA ASP C 15 3.47 55.62 -11.77
C ASP C 15 2.20 54.89 -11.32
N MET C 16 1.96 53.69 -11.86
CA MET C 16 0.80 52.90 -11.46
C MET C 16 0.96 52.48 -10.00
N ARG C 17 -0.11 52.53 -9.23
CA ARG C 17 -0.04 52.14 -7.82
C ARG C 17 0.37 50.67 -7.69
N ALA C 18 1.19 50.38 -6.68
CA ALA C 18 1.80 49.05 -6.55
C ALA C 18 0.82 47.89 -6.51
N ASP C 19 -0.28 48.05 -5.76
CA ASP C 19 -1.25 46.97 -5.65
C ASP C 19 -1.96 46.72 -6.99
N ILE C 20 -2.19 47.78 -7.75
CA ILE C 20 -2.82 47.59 -9.05
C ILE C 20 -1.85 46.89 -10.01
N CYS C 21 -0.57 47.27 -9.94
CA CYS C 21 0.43 46.62 -10.76
C CYS C 21 0.50 45.10 -10.48
N VAL C 22 0.44 44.71 -9.20
CA VAL C 22 0.42 43.29 -8.83
C VAL C 22 -0.80 42.56 -9.41
N HIS C 23 -1.96 43.21 -9.34
CA HIS C 23 -3.18 42.69 -9.98
C HIS C 23 -3.01 42.48 -11.49
N LEU C 24 -2.35 43.41 -12.18
CA LEU C 24 -2.17 43.26 -13.64
C LEU C 24 -1.34 42.04 -13.99
N ASN C 25 -0.63 41.51 -13.00
CA ASN C 25 0.23 40.33 -13.20
C ASN C 25 -0.39 39.03 -12.75
N ARG C 26 -1.69 39.04 -12.43
CA ARG C 26 -2.35 37.89 -11.80
C ARG C 26 -2.36 36.62 -12.63
N LYS C 27 -2.40 36.76 -13.96
CA LYS C 27 -2.40 35.56 -14.81
C LYS C 27 -1.14 34.73 -14.65
N VAL C 28 -0.11 35.35 -14.09
CA VAL C 28 1.08 34.59 -13.68
C VAL C 28 1.08 34.39 -12.16
N PHE C 29 0.97 35.48 -11.41
CA PHE C 29 1.18 35.43 -9.97
C PHE C 29 0.16 34.57 -9.23
N LYS C 30 -1.09 34.56 -9.71
CA LYS C 30 -2.15 33.82 -9.02
C LYS C 30 -2.41 32.45 -9.63
N GLU C 31 -1.69 32.15 -10.72
CA GLU C 31 -1.91 30.89 -11.43
C GLU C 31 -0.74 29.93 -11.32
N HIS C 32 0.48 30.46 -11.35
CA HIS C 32 1.65 29.58 -11.31
C HIS C 32 2.11 29.34 -9.87
N PRO C 33 2.28 28.06 -9.49
CA PRO C 33 2.59 27.74 -8.09
C PRO C 33 3.91 28.27 -7.59
N ALA C 34 4.84 28.64 -8.50
CA ALA C 34 6.14 29.18 -8.05
C ALA C 34 6.05 30.49 -7.29
N PHE C 35 4.88 31.16 -7.36
CA PHE C 35 4.73 32.46 -6.69
C PHE C 35 3.88 32.41 -5.42
N ARG C 36 3.46 31.21 -5.02
CA ARG C 36 2.57 31.08 -3.86
C ARG C 36 3.16 31.64 -2.57
N LEU C 37 4.46 31.48 -2.38
CA LEU C 37 5.06 31.91 -1.12
C LEU C 37 5.73 33.28 -1.23
N ALA C 38 5.48 34.00 -2.33
CA ALA C 38 6.07 35.33 -2.47
C ALA C 38 5.41 36.28 -1.49
N SER C 39 6.21 37.03 -0.75
CA SER C 39 5.66 38.08 0.11
C SER C 39 5.14 39.22 -0.76
N ASP C 40 4.44 40.17 -0.14
CA ASP C 40 3.91 41.31 -0.88
C ASP C 40 5.01 42.17 -1.51
N GLY C 41 6.09 42.40 -0.76
CA GLY C 41 7.21 43.16 -1.31
C GLY C 41 7.79 42.46 -2.51
N CYS C 42 7.93 41.14 -2.41
CA CYS C 42 8.46 40.37 -3.52
C CYS C 42 7.58 40.46 -4.78
N LEU C 43 6.27 40.29 -4.60
CA LEU C 43 5.32 40.44 -5.72
C LEU C 43 5.36 41.83 -6.33
N ARG C 44 5.45 42.86 -5.48
CA ARG C 44 5.49 44.23 -5.98
C ARG C 44 6.75 44.44 -6.80
N ALA C 45 7.87 43.92 -6.31
CA ALA C 45 9.13 44.03 -7.05
C ALA C 45 9.07 43.30 -8.41
N LEU C 46 8.54 42.09 -8.41
CA LEU C 46 8.45 41.32 -9.64
C LEU C 46 7.49 41.99 -10.60
N ALA C 47 6.38 42.52 -10.08
CA ALA C 47 5.32 43.11 -10.91
C ALA C 47 5.83 44.29 -11.74
N MET C 48 6.73 45.08 -11.16
CA MET C 48 7.28 46.23 -11.85
C MET C 48 8.31 45.88 -12.93
N GLU C 49 8.84 44.67 -12.89
CA GLU C 49 9.84 44.24 -13.87
C GLU C 49 9.24 43.45 -15.02
N PHE C 50 8.02 42.94 -14.83
CA PHE C 50 7.40 42.11 -15.85
C PHE C 50 7.01 42.90 -17.09
N GLN C 51 7.23 42.27 -18.24
CA GLN C 51 6.89 42.86 -19.51
C GLN C 51 5.90 41.94 -20.22
N THR C 52 5.27 42.45 -21.27
CA THR C 52 4.34 41.64 -22.02
C THR C 52 4.69 41.68 -23.52
N VAL C 53 4.43 40.57 -24.21
CA VAL C 53 4.71 40.43 -25.64
C VAL C 53 3.41 39.96 -26.31
N HIS C 54 2.98 40.63 -27.37
CA HIS C 54 1.74 40.25 -28.05
C HIS C 54 2.09 39.86 -29.48
N CYS C 55 1.89 38.58 -29.82
CA CYS C 55 2.30 38.08 -31.12
C CYS C 55 1.12 37.73 -32.01
N ALA C 56 1.34 37.82 -33.32
CA ALA C 56 0.37 37.38 -34.32
C ALA C 56 0.80 36.00 -34.78
N PRO C 57 -0.14 35.23 -35.35
CA PRO C 57 0.22 33.91 -35.87
C PRO C 57 1.41 34.01 -36.83
N GLY C 58 2.37 33.11 -36.68
CA GLY C 58 3.53 33.11 -37.56
C GLY C 58 4.71 33.91 -37.04
N ASP C 59 4.47 34.78 -36.04
CA ASP C 59 5.56 35.59 -35.48
C ASP C 59 6.61 34.70 -34.80
N LEU C 60 7.89 35.04 -34.98
CA LEU C 60 8.95 34.36 -34.25
C LEU C 60 9.22 35.06 -32.91
N ILE C 61 9.12 34.28 -31.83
CA ILE C 61 9.47 34.72 -30.47
C ILE C 61 10.98 34.64 -30.32
N TYR C 62 11.52 33.48 -30.68
CA TYR C 62 12.96 33.23 -30.66
C TYR C 62 13.35 32.49 -31.92
N HIS C 63 14.47 32.88 -32.53
CA HIS C 63 15.12 32.07 -33.56
C HIS C 63 16.19 31.21 -32.91
N ALA C 64 16.49 30.07 -33.52
CA ALA C 64 17.58 29.22 -33.06
C ALA C 64 18.87 30.04 -33.08
N GLY C 65 19.64 29.98 -32.00
CA GLY C 65 20.89 30.72 -31.94
C GLY C 65 20.79 32.02 -31.17
N GLU C 66 19.57 32.53 -31.03
CA GLU C 66 19.34 33.80 -30.32
C GLU C 66 19.52 33.62 -28.81
N SER C 67 20.05 34.66 -28.16
CA SER C 67 20.22 34.62 -26.70
C SER C 67 18.88 34.56 -25.95
N VAL C 68 18.71 33.56 -25.10
CA VAL C 68 17.49 33.44 -24.28
C VAL C 68 17.70 34.16 -22.95
N ASP C 69 17.23 35.41 -22.85
CA ASP C 69 17.56 36.25 -21.70
C ASP C 69 16.35 36.55 -20.81
N SER C 70 15.23 35.90 -21.12
CA SER C 70 13.99 36.09 -20.36
C SER C 70 13.32 34.77 -19.99
N LEU C 71 12.61 34.75 -18.87
CA LEU C 71 11.74 33.65 -18.51
C LEU C 71 10.34 34.02 -19.01
N CYS C 72 9.72 33.13 -19.79
CA CYS C 72 8.52 33.49 -20.55
C CYS C 72 7.31 32.66 -20.15
N PHE C 73 6.20 33.33 -19.78
CA PHE C 73 4.98 32.63 -19.38
C PHE C 73 3.93 32.86 -20.45
N VAL C 74 3.33 31.81 -20.97
CA VAL C 74 2.27 31.97 -21.97
C VAL C 74 0.99 32.26 -21.20
N VAL C 75 0.35 33.40 -21.45
CA VAL C 75 -0.89 33.68 -20.73
C VAL C 75 -2.11 33.56 -21.63
N SER C 76 -1.88 33.54 -22.94
CA SER C 76 -2.98 33.27 -23.88
C SER C 76 -2.44 32.77 -25.20
N GLY C 77 -3.21 31.96 -25.92
CA GLY C 77 -2.80 31.49 -27.23
C GLY C 77 -1.84 30.31 -27.18
N SER C 78 -1.31 29.92 -28.33
CA SER C 78 -0.36 28.81 -28.37
C SER C 78 0.80 29.06 -29.32
N LEU C 79 1.90 28.35 -29.06
CA LEU C 79 3.15 28.50 -29.79
C LEU C 79 3.68 27.13 -30.13
N GLU C 80 4.46 27.04 -31.20
CA GLU C 80 5.17 25.80 -31.49
C GLU C 80 6.67 26.01 -31.31
N VAL C 81 7.32 24.98 -30.76
CA VAL C 81 8.76 24.94 -30.61
C VAL C 81 9.31 24.03 -31.69
N ILE C 82 10.17 24.56 -32.54
CA ILE C 82 10.63 23.84 -33.71
C ILE C 82 12.14 23.66 -33.72
N GLN C 83 12.58 22.39 -33.77
CA GLN C 83 14.00 22.07 -33.88
C GLN C 83 14.24 21.17 -35.08
N ASP C 84 15.21 21.54 -35.91
CA ASP C 84 15.51 20.79 -37.13
C ASP C 84 14.23 20.56 -37.94
N ASP C 85 13.42 21.62 -38.05
CA ASP C 85 12.24 21.64 -38.91
C ASP C 85 11.08 20.76 -38.46
N GLU C 86 11.16 20.27 -37.22
CA GLU C 86 10.08 19.45 -36.66
C GLU C 86 9.54 20.06 -35.37
N VAL C 87 8.22 19.91 -35.16
CA VAL C 87 7.59 20.35 -33.91
C VAL C 87 8.04 19.45 -32.76
N VAL C 88 8.68 20.03 -31.75
CA VAL C 88 9.10 19.24 -30.60
C VAL C 88 8.28 19.58 -29.37
N ALA C 89 7.53 20.67 -29.43
CA ALA C 89 6.56 21.00 -28.40
C ALA C 89 5.56 22.03 -28.87
N ILE C 90 4.36 21.98 -28.28
CA ILE C 90 3.36 23.02 -28.43
C ILE C 90 3.13 23.59 -27.02
N LEU C 91 3.17 24.92 -26.91
CA LEU C 91 3.02 25.55 -25.61
C LEU C 91 1.71 26.31 -25.59
N GLY C 92 1.01 26.29 -24.46
CA GLY C 92 -0.25 27.00 -24.34
C GLY C 92 -0.38 27.69 -23.01
N LYS C 93 -1.56 28.22 -22.74
CA LYS C 93 -1.80 28.98 -21.51
C LYS C 93 -1.30 28.23 -20.27
N GLY C 94 -0.52 28.93 -19.44
CA GLY C 94 -0.01 28.33 -18.21
C GLY C 94 1.39 27.76 -18.36
N ASP C 95 1.86 27.61 -19.59
CA ASP C 95 3.18 27.04 -19.82
C ASP C 95 4.28 28.09 -19.59
N VAL C 96 5.50 27.63 -19.34
CA VAL C 96 6.61 28.55 -19.09
C VAL C 96 7.84 28.00 -19.82
N PHE C 97 8.60 28.89 -20.45
CA PHE C 97 9.78 28.45 -21.19
C PHE C 97 10.94 29.43 -21.05
N GLY C 98 12.14 28.92 -21.35
CA GLY C 98 13.36 29.69 -21.21
C GLY C 98 14.47 28.75 -20.78
N ASP C 99 15.07 29.04 -19.63
CA ASP C 99 16.13 28.18 -19.08
C ASP C 99 16.13 28.37 -17.57
N VAL C 100 16.81 27.49 -16.84
CA VAL C 100 16.87 27.60 -15.39
C VAL C 100 17.97 28.62 -15.04
N PHE C 101 17.67 29.90 -15.25
CA PHE C 101 18.64 30.97 -15.03
C PHE C 101 19.23 31.00 -13.62
N TRP C 102 18.42 30.65 -12.62
CA TRP C 102 18.81 30.71 -11.21
C TRP C 102 19.67 29.52 -10.79
N LYS C 103 19.88 28.57 -11.71
CA LYS C 103 20.79 27.45 -11.45
C LYS C 103 22.00 27.49 -12.35
N GLU C 104 21.84 28.09 -13.53
CA GLU C 104 22.93 28.10 -14.52
C GLU C 104 23.28 29.52 -14.97
N ALA C 105 24.45 30.00 -14.53
CA ALA C 105 24.87 31.36 -14.84
C ALA C 105 25.23 31.58 -16.32
N THR C 106 25.70 30.53 -17.01
CA THR C 106 26.08 30.68 -18.42
C THR C 106 24.89 31.14 -19.26
N LEU C 107 25.18 31.88 -20.33
CA LEU C 107 24.14 32.48 -21.15
C LEU C 107 23.58 31.45 -22.14
N ALA C 108 22.27 31.50 -22.36
CA ALA C 108 21.62 30.46 -23.17
C ALA C 108 21.27 30.93 -24.57
N GLN C 109 21.69 30.15 -25.57
CA GLN C 109 21.25 30.37 -26.94
C GLN C 109 20.19 29.35 -27.26
N SER C 110 19.11 29.79 -27.89
CA SER C 110 17.99 28.91 -28.16
C SER C 110 18.41 27.79 -29.11
N CYS C 111 18.02 26.56 -28.81
CA CYS C 111 18.30 25.45 -29.70
C CYS C 111 17.11 25.22 -30.65
N ALA C 112 16.09 26.08 -30.55
CA ALA C 112 14.87 25.90 -31.33
C ALA C 112 14.27 27.21 -31.79
N ASN C 113 13.49 27.18 -32.86
CA ASN C 113 12.63 28.31 -33.20
C ASN C 113 11.38 28.24 -32.35
N VAL C 114 10.91 29.38 -31.85
CA VAL C 114 9.65 29.46 -31.11
C VAL C 114 8.74 30.39 -31.90
N ARG C 115 7.61 29.87 -32.38
CA ARG C 115 6.75 30.58 -33.34
C ARG C 115 5.29 30.55 -32.92
N ALA C 116 4.63 31.70 -32.92
CA ALA C 116 3.22 31.74 -32.53
C ALA C 116 2.35 30.96 -33.52
N LEU C 117 1.42 30.16 -32.99
CA LEU C 117 0.44 29.45 -33.83
C LEU C 117 -0.83 30.27 -33.99
N THR C 118 -1.19 30.99 -32.93
CA THR C 118 -2.38 31.82 -32.89
C THR C 118 -1.91 33.19 -32.41
N TYR C 119 -2.82 34.16 -32.29
CA TYR C 119 -2.50 35.32 -31.48
C TYR C 119 -2.14 34.81 -30.10
N CYS C 120 -1.00 35.24 -29.58
CA CYS C 120 -0.44 34.64 -28.38
C CYS C 120 0.08 35.77 -27.51
N ASP C 121 -0.19 35.73 -26.21
CA ASP C 121 0.35 36.74 -25.29
C ASP C 121 1.25 36.13 -24.23
N LEU C 122 2.40 36.76 -24.01
CA LEU C 122 3.39 36.28 -23.04
C LEU C 122 3.62 37.32 -21.96
N HIS C 123 3.83 36.88 -20.73
CA HIS C 123 4.39 37.73 -19.68
C HIS C 123 5.82 37.27 -19.49
N VAL C 124 6.78 38.18 -19.62
CA VAL C 124 8.19 37.78 -19.61
C VAL C 124 8.95 38.61 -18.60
N ILE C 125 10.01 38.04 -18.04
CA ILE C 125 10.87 38.83 -17.17
C ILE C 125 12.31 38.52 -17.53
N LYS C 126 13.14 39.55 -17.68
CA LYS C 126 14.53 39.32 -18.05
C LYS C 126 15.25 38.64 -16.90
N ARG C 127 16.24 37.82 -17.22
CA ARG C 127 16.85 36.97 -16.19
C ARG C 127 17.56 37.80 -15.10
N ASP C 128 18.18 38.91 -15.50
CA ASP C 128 18.88 39.75 -14.51
C ASP C 128 17.89 40.40 -13.53
N ALA C 129 16.74 40.80 -14.05
CA ALA C 129 15.70 41.41 -13.20
C ALA C 129 15.19 40.37 -12.20
N LEU C 130 14.92 39.17 -12.69
CA LEU C 130 14.45 38.10 -11.83
C LEU C 130 15.52 37.73 -10.81
N GLN C 131 16.77 37.65 -11.26
CA GLN C 131 17.83 37.20 -10.39
C GLN C 131 18.01 38.17 -9.23
N LYS C 132 17.86 39.46 -9.51
CA LYS C 132 17.97 40.47 -8.47
C LYS C 132 16.91 40.24 -7.39
N VAL C 133 15.70 39.93 -7.83
CA VAL C 133 14.61 39.62 -6.90
C VAL C 133 14.93 38.38 -6.08
N LEU C 134 15.35 37.32 -6.76
CA LEU C 134 15.69 36.06 -6.08
C LEU C 134 16.82 36.21 -5.08
N GLU C 135 17.78 37.10 -5.37
CA GLU C 135 18.91 37.31 -4.47
C GLU C 135 18.46 38.03 -3.21
N PHE C 136 17.46 38.89 -3.34
CA PHE C 136 17.00 39.65 -2.17
C PHE C 136 16.08 38.80 -1.31
N TYR C 137 15.09 38.19 -1.94
CA TYR C 137 14.12 37.38 -1.22
C TYR C 137 14.57 35.92 -1.20
N THR C 138 15.52 35.67 -0.31
CA THR C 138 16.23 34.39 -0.19
C THR C 138 15.30 33.22 0.01
N ALA C 139 14.49 33.28 1.06
CA ALA C 139 13.54 32.23 1.36
C ALA C 139 12.66 31.93 0.17
N PHE C 140 12.17 32.98 -0.48
CA PHE C 140 11.32 32.82 -1.62
C PHE C 140 12.03 32.11 -2.78
N SER C 141 13.30 32.41 -2.98
CA SER C 141 14.03 31.85 -4.12
C SER C 141 14.02 30.32 -4.08
N HIS C 142 14.07 29.76 -2.87
CA HIS C 142 14.08 28.30 -2.73
C HIS C 142 12.74 27.70 -3.13
N SER C 143 11.66 28.37 -2.78
CA SER C 143 10.31 27.95 -3.15
C SER C 143 10.07 28.12 -4.64
N PHE C 144 10.49 29.27 -5.16
CA PHE C 144 10.42 29.55 -6.57
C PHE C 144 11.11 28.45 -7.34
N SER C 145 12.36 28.16 -6.96
CA SER C 145 13.12 27.18 -7.69
C SER C 145 12.50 25.77 -7.68
N ARG C 146 11.96 25.34 -6.55
CA ARG C 146 11.47 23.95 -6.52
C ARG C 146 10.11 23.80 -7.21
N ASN C 147 9.43 24.93 -7.48
CA ASN C 147 8.11 24.91 -8.14
C ASN C 147 8.16 25.28 -9.63
N LEU C 148 9.26 25.91 -10.06
CA LEU C 148 9.35 26.34 -11.46
C LEU C 148 9.81 25.16 -12.30
N ILE C 149 8.88 24.49 -12.97
CA ILE C 149 9.23 23.38 -13.84
C ILE C 149 8.95 23.88 -15.26
N LEU C 150 10.03 24.09 -16.02
CA LEU C 150 9.87 24.61 -17.37
C LEU C 150 9.08 23.64 -18.22
N THR C 151 8.12 24.14 -18.98
CA THR C 151 7.44 23.29 -19.95
C THR C 151 8.40 23.01 -21.10
N TYR C 152 9.21 24.00 -21.46
CA TYR C 152 10.30 23.76 -22.42
C TYR C 152 11.54 24.56 -22.08
N ASN C 153 12.69 23.89 -22.09
CA ASN C 153 13.97 24.55 -21.86
C ASN C 153 14.70 24.71 -23.20
N LEU C 154 14.95 25.94 -23.62
CA LEU C 154 15.49 26.21 -24.96
C LEU C 154 17.01 25.99 -25.06
N ARG C 155 17.66 25.70 -23.94
CA ARG C 155 19.13 25.65 -23.95
C ARG C 155 19.74 24.36 -24.52
N LYS C 156 18.98 23.28 -24.59
CA LYS C 156 19.56 22.00 -25.06
C LYS C 156 18.80 21.37 -26.24
N ARG C 157 19.52 20.88 -27.23
CA ARG C 157 18.93 20.15 -28.36
C ARG C 157 18.38 18.81 -27.92
N ILE C 158 17.23 18.43 -28.45
CA ILE C 158 16.74 17.07 -28.31
C ILE C 158 17.40 16.22 -29.39
N VAL C 159 17.88 15.03 -29.04
CA VAL C 159 18.38 14.11 -30.06
C VAL C 159 17.23 13.22 -30.51
N PHE C 160 16.85 13.30 -31.78
CA PHE C 160 15.81 12.43 -32.31
C PHE C 160 16.10 12.03 -33.74
N ARG C 161 15.28 11.11 -34.27
CA ARG C 161 15.44 10.67 -35.65
C ARG C 161 14.12 10.83 -36.38
N LYS C 162 14.19 11.32 -37.61
CA LYS C 162 13.02 11.39 -38.48
C LYS C 162 12.78 10.03 -39.10
N ILE C 163 11.51 9.59 -39.03
CA ILE C 163 11.08 8.32 -39.61
C ILE C 163 11.43 8.26 -41.10
N SER C 164 11.30 9.39 -41.78
CA SER C 164 11.64 9.46 -43.20
C SER C 164 13.10 9.09 -43.43
N ASP C 165 13.98 9.75 -42.69
CA ASP C 165 15.41 9.57 -42.85
C ASP C 165 15.90 8.16 -42.53
N VAL C 166 15.11 7.42 -41.74
CA VAL C 166 15.48 6.07 -41.31
C VAL C 166 15.62 5.10 -42.47
N LYS C 167 15.05 5.46 -43.62
CA LYS C 167 15.08 4.64 -44.82
C LYS C 167 16.48 4.14 -45.20
N ARG C 168 16.74 2.87 -44.91
CA ARG C 168 17.98 2.23 -45.31
C ARG C 168 17.79 1.54 -46.65
N GLU C 169 18.48 2.03 -47.67
CA GLU C 169 18.42 1.48 -49.03
C GLU C 169 17.03 1.55 -49.66
N GLU C 170 16.79 0.70 -50.66
CA GLU C 170 15.53 0.69 -51.40
C GLU C 170 14.50 -0.25 -50.79
N SER D 23 -10.04 17.71 -28.25
CA SER D 23 -10.00 19.11 -27.83
C SER D 23 -11.00 19.39 -26.71
N ASN D 24 -11.11 20.66 -26.31
CA ASN D 24 -12.10 21.10 -25.33
C ASN D 24 -12.10 20.32 -24.02
N ASP D 25 -13.17 19.55 -23.80
CA ASP D 25 -13.30 18.74 -22.59
C ASP D 25 -12.72 17.34 -22.74
N THR D 26 -12.03 17.08 -23.84
CA THR D 26 -11.33 15.81 -24.00
C THR D 26 -10.03 15.81 -23.19
N ASN D 27 -9.68 14.64 -22.66
CA ASN D 27 -8.34 14.43 -22.11
C ASN D 27 -7.51 13.90 -23.26
N PHE D 28 -6.46 14.63 -23.66
CA PHE D 28 -5.72 14.20 -24.85
C PHE D 28 -4.24 14.60 -24.87
N VAL D 29 -3.45 13.82 -25.63
CA VAL D 29 -2.09 14.22 -25.98
C VAL D 29 -1.97 14.34 -27.51
N LEU D 30 -0.97 15.09 -27.96
CA LEU D 30 -0.65 15.17 -29.39
C LEU D 30 0.79 14.68 -29.63
N GLY D 31 0.96 13.68 -30.50
CA GLY D 31 2.28 13.16 -30.79
C GLY D 31 2.82 13.59 -32.14
N ASN D 32 4.14 13.71 -32.27
CA ASN D 32 4.70 14.04 -33.57
C ASN D 32 4.72 12.79 -34.42
N ALA D 33 3.96 12.79 -35.51
CA ALA D 33 3.79 11.57 -36.31
C ALA D 33 4.98 11.24 -37.21
N GLN D 34 5.91 12.19 -37.34
CA GLN D 34 7.03 12.06 -38.27
C GLN D 34 8.35 11.75 -37.56
N ILE D 35 8.30 11.61 -36.24
CA ILE D 35 9.51 11.36 -35.46
C ILE D 35 9.46 9.98 -34.82
N VAL D 36 10.59 9.26 -34.88
CA VAL D 36 10.69 7.93 -34.31
C VAL D 36 10.19 7.91 -32.85
N ASP D 37 9.28 6.97 -32.57
CA ASP D 37 8.60 6.81 -31.28
C ASP D 37 7.41 7.73 -31.05
N TRP D 38 7.16 8.65 -31.99
CA TRP D 38 5.99 9.53 -31.93
C TRP D 38 5.95 10.31 -30.61
N PRO D 39 7.00 11.11 -30.33
CA PRO D 39 7.10 11.79 -29.04
C PRO D 39 5.95 12.77 -28.81
N ILE D 40 5.42 12.81 -27.58
CA ILE D 40 4.33 13.72 -27.25
C ILE D 40 4.82 15.17 -27.27
N VAL D 41 4.14 16.03 -28.03
CA VAL D 41 4.50 17.45 -28.08
C VAL D 41 3.52 18.33 -27.30
N TYR D 42 2.38 17.74 -26.92
CA TYR D 42 1.40 18.48 -26.12
C TYR D 42 0.51 17.51 -25.34
N SER D 43 0.25 17.81 -24.07
CA SER D 43 -0.75 17.08 -23.29
C SER D 43 -1.62 18.08 -22.53
N ASN D 44 -2.94 17.97 -22.64
CA ASN D 44 -3.81 18.99 -22.04
C ASN D 44 -3.99 18.82 -20.53
N ASP D 45 -4.67 19.77 -19.90
CA ASP D 45 -4.89 19.71 -18.46
C ASP D 45 -5.65 18.44 -18.12
N GLY D 46 -6.66 18.15 -18.93
CA GLY D 46 -7.50 16.98 -18.72
C GLY D 46 -6.70 15.69 -18.65
N PHE D 47 -5.77 15.48 -19.58
CA PHE D 47 -4.97 14.25 -19.53
C PHE D 47 -4.09 14.25 -18.29
N CYS D 48 -3.52 15.41 -17.96
CA CYS D 48 -2.64 15.50 -16.81
C CYS D 48 -3.37 15.18 -15.50
N LYS D 49 -4.61 15.64 -15.39
CA LYS D 49 -5.40 15.35 -14.20
C LYS D 49 -5.82 13.88 -14.16
N LEU D 50 -6.22 13.34 -15.31
CA LEU D 50 -6.68 11.96 -15.40
C LEU D 50 -5.56 10.97 -15.09
N SER D 51 -4.38 11.22 -15.67
CA SER D 51 -3.30 10.26 -15.61
C SER D 51 -2.47 10.47 -14.35
N GLY D 52 -2.55 11.68 -13.79
CA GLY D 52 -1.78 12.00 -12.60
C GLY D 52 -0.38 12.54 -12.87
N TYR D 53 0.08 12.45 -14.12
CA TYR D 53 1.44 12.89 -14.47
C TYR D 53 1.51 14.37 -14.77
N HIS D 54 2.62 14.99 -14.39
CA HIS D 54 2.86 16.39 -14.73
C HIS D 54 3.11 16.54 -16.22
N ARG D 55 2.65 17.64 -16.80
CA ARG D 55 2.90 17.95 -18.21
C ARG D 55 4.37 17.79 -18.60
N ALA D 56 5.28 18.23 -17.75
CA ALA D 56 6.71 18.11 -18.04
C ALA D 56 7.21 16.67 -18.03
N GLU D 57 6.46 15.78 -17.36
CA GLU D 57 6.84 14.36 -17.31
C GLU D 57 6.41 13.62 -18.58
N VAL D 58 5.33 14.12 -19.16
CA VAL D 58 4.71 13.50 -20.33
C VAL D 58 5.40 13.94 -21.61
N MET D 59 5.81 15.21 -21.67
CA MET D 59 6.51 15.76 -22.84
C MET D 59 7.60 14.82 -23.33
N GLN D 60 7.59 14.57 -24.64
CA GLN D 60 8.63 13.79 -25.32
C GLN D 60 8.59 12.27 -25.07
N LYS D 61 7.69 11.81 -24.21
CA LYS D 61 7.45 10.38 -24.07
C LYS D 61 6.73 9.91 -25.32
N SER D 62 6.80 8.64 -25.65
CA SER D 62 6.11 8.14 -26.85
C SER D 62 4.59 8.30 -26.71
N SER D 63 3.93 8.68 -27.81
CA SER D 63 2.48 8.78 -27.85
C SER D 63 1.81 7.45 -27.55
N ALA D 64 2.58 6.37 -27.69
CA ALA D 64 2.11 5.04 -27.33
C ALA D 64 1.81 4.98 -25.82
N CYS D 65 2.31 5.96 -25.08
CA CYS D 65 2.08 6.07 -23.66
C CYS D 65 2.56 4.84 -22.90
N SER D 66 3.70 4.31 -23.33
CA SER D 66 4.31 3.15 -22.72
C SER D 66 4.72 3.41 -21.28
N PHE D 67 4.87 4.69 -20.92
CA PHE D 67 5.24 5.05 -19.55
C PHE D 67 4.14 4.71 -18.55
N MET D 68 2.96 4.40 -19.07
CA MET D 68 1.82 4.03 -18.23
C MET D 68 1.51 2.53 -18.28
N TYR D 69 2.30 1.77 -19.02
CA TYR D 69 2.13 0.31 -19.07
C TYR D 69 2.63 -0.32 -17.79
N GLY D 70 2.02 -1.42 -17.38
CA GLY D 70 2.45 -2.17 -16.20
C GLY D 70 2.13 -3.64 -16.37
N GLU D 71 2.20 -4.40 -15.29
CA GLU D 71 2.15 -5.85 -15.45
C GLU D 71 0.79 -6.37 -15.91
N LEU D 72 -0.27 -5.62 -15.64
CA LEU D 72 -1.61 -6.06 -16.02
C LEU D 72 -1.99 -5.63 -17.44
N THR D 73 -1.19 -4.74 -18.03
CA THR D 73 -1.41 -4.26 -19.39
C THR D 73 -1.31 -5.39 -20.41
N ASP D 74 -2.32 -5.48 -21.28
CA ASP D 74 -2.36 -6.53 -22.29
C ASP D 74 -1.28 -6.31 -23.35
N LYS D 75 -0.34 -7.24 -23.45
CA LYS D 75 0.82 -7.06 -24.31
C LYS D 75 0.44 -7.09 -25.80
N ASP D 76 -0.70 -7.74 -26.10
CA ASP D 76 -1.22 -7.79 -27.47
C ASP D 76 -1.98 -6.51 -27.85
N THR D 77 -2.74 -5.96 -26.91
CA THR D 77 -3.40 -4.67 -27.13
C THR D 77 -2.32 -3.63 -27.36
N VAL D 78 -1.21 -3.78 -26.63
CA VAL D 78 -0.03 -2.94 -26.76
C VAL D 78 0.51 -2.95 -28.18
N GLU D 79 0.65 -4.14 -28.76
CA GLU D 79 1.23 -4.27 -30.09
C GLU D 79 0.30 -3.66 -31.15
N LYS D 80 -1.01 -3.89 -31.00
CA LYS D 80 -1.99 -3.31 -31.90
C LYS D 80 -1.94 -1.78 -31.87
N VAL D 81 -1.72 -1.22 -30.68
CA VAL D 81 -1.54 0.23 -30.54
C VAL D 81 -0.31 0.70 -31.32
N ARG D 82 0.80 -0.01 -31.15
CA ARG D 82 2.04 0.32 -31.86
C ARG D 82 1.82 0.30 -33.36
N GLN D 83 1.18 -0.76 -33.85
CA GLN D 83 0.88 -0.90 -35.28
C GLN D 83 -0.05 0.19 -35.81
N THR D 84 -0.94 0.71 -34.95
CA THR D 84 -1.82 1.82 -35.33
C THR D 84 -0.99 3.03 -35.79
N PHE D 85 0.06 3.32 -35.02
CA PHE D 85 0.94 4.45 -35.32
C PHE D 85 1.79 4.22 -36.57
N GLU D 86 2.41 3.05 -36.65
CA GLU D 86 3.31 2.72 -37.75
C GLU D 86 2.57 2.67 -39.09
N ASN D 87 1.26 2.44 -39.04
CA ASN D 87 0.44 2.37 -40.24
C ASN D 87 -0.45 3.60 -40.41
N TYR D 88 -0.27 4.59 -39.54
CA TYR D 88 -1.01 5.86 -39.63
C TYR D 88 -2.52 5.65 -39.69
N GLU D 89 -3.01 4.63 -38.97
CA GLU D 89 -4.43 4.31 -39.00
C GLU D 89 -5.21 5.04 -37.90
N MET D 90 -6.53 4.91 -37.95
CA MET D 90 -7.40 5.44 -36.89
C MET D 90 -8.05 4.28 -36.15
N ASN D 91 -7.66 4.10 -34.90
CA ASN D 91 -8.12 2.95 -34.11
C ASN D 91 -8.52 3.32 -32.68
N SER D 92 -9.35 2.47 -32.07
CA SER D 92 -9.76 2.66 -30.68
C SER D 92 -9.44 1.40 -29.88
N PHE D 93 -9.09 1.57 -28.61
CA PHE D 93 -8.72 0.43 -27.75
C PHE D 93 -9.17 0.61 -26.29
N GLU D 94 -9.51 -0.50 -25.65
CA GLU D 94 -9.61 -0.53 -24.20
C GLU D 94 -8.27 -1.01 -23.67
N ILE D 95 -7.70 -0.27 -22.73
CA ILE D 95 -6.40 -0.68 -22.21
C ILE D 95 -6.21 -0.34 -20.75
N LEU D 96 -5.77 -1.35 -20.00
CA LEU D 96 -5.48 -1.23 -18.59
C LEU D 96 -4.12 -0.58 -18.40
N MET D 97 -4.10 0.63 -17.87
CA MET D 97 -2.84 1.36 -17.70
C MET D 97 -2.65 1.86 -16.28
N TYR D 98 -1.50 2.46 -16.01
CA TYR D 98 -1.17 2.85 -14.64
C TYR D 98 -1.01 4.36 -14.49
N LYS D 99 -1.75 4.91 -13.53
CA LYS D 99 -1.65 6.33 -13.21
C LYS D 99 -0.32 6.59 -12.51
N LYS D 100 0.03 7.87 -12.35
CA LYS D 100 1.29 8.22 -11.71
C LYS D 100 1.43 7.61 -10.31
N ASN D 101 0.35 7.61 -9.54
CA ASN D 101 0.39 7.01 -8.21
C ASN D 101 0.35 5.48 -8.25
N ARG D 102 0.57 4.95 -9.46
CA ARG D 102 0.64 3.50 -9.70
C ARG D 102 -0.69 2.74 -9.59
N THR D 103 -1.79 3.48 -9.56
CA THR D 103 -3.12 2.86 -9.61
C THR D 103 -3.46 2.41 -11.04
N PRO D 104 -3.84 1.14 -11.21
CA PRO D 104 -4.26 0.61 -12.50
C PRO D 104 -5.69 1.02 -12.81
N VAL D 105 -5.94 1.43 -14.05
CA VAL D 105 -7.23 1.99 -14.45
C VAL D 105 -7.51 1.55 -15.88
N TRP D 106 -8.77 1.21 -16.18
CA TRP D 106 -9.16 0.98 -17.56
C TRP D 106 -9.37 2.29 -18.32
N PHE D 107 -8.67 2.42 -19.45
CA PHE D 107 -8.87 3.57 -20.33
C PHE D 107 -9.46 3.11 -21.64
N PHE D 108 -10.34 3.96 -22.19
CA PHE D 108 -10.69 3.86 -23.59
C PHE D 108 -9.81 4.89 -24.29
N VAL D 109 -9.11 4.45 -25.32
CA VAL D 109 -8.15 5.28 -26.02
C VAL D 109 -8.45 5.34 -27.50
N LYS D 110 -8.73 6.54 -27.99
CA LYS D 110 -8.97 6.74 -29.41
C LYS D 110 -7.76 7.42 -30.05
N ILE D 111 -7.13 6.73 -31.00
CA ILE D 111 -5.99 7.29 -31.72
C ILE D 111 -6.46 7.84 -33.06
N ALA D 112 -6.00 9.04 -33.40
CA ALA D 112 -6.35 9.65 -34.69
C ALA D 112 -5.21 10.48 -35.26
N PRO D 113 -4.82 10.20 -36.51
CA PRO D 113 -3.81 10.97 -37.24
C PRO D 113 -4.34 12.34 -37.67
N ILE D 114 -3.47 13.34 -37.62
CA ILE D 114 -3.82 14.68 -38.05
C ILE D 114 -3.00 15.02 -39.29
N ARG D 115 -3.68 15.45 -40.35
CA ARG D 115 -3.02 15.76 -41.61
C ARG D 115 -2.91 17.25 -41.89
N ASN D 116 -1.91 17.63 -42.68
CA ASN D 116 -1.71 19.03 -43.05
C ASN D 116 -2.42 19.36 -44.36
N GLU D 117 -2.25 20.59 -44.83
CA GLU D 117 -2.84 21.03 -46.10
C GLU D 117 -2.49 20.10 -47.27
N GLN D 118 -1.34 19.43 -47.17
CA GLN D 118 -0.91 18.48 -48.19
C GLN D 118 -1.44 17.07 -47.90
N ASP D 119 -2.29 16.97 -46.89
CA ASP D 119 -2.82 15.68 -46.43
C ASP D 119 -1.69 14.71 -46.06
N LYS D 120 -0.64 15.24 -45.45
CA LYS D 120 0.41 14.42 -44.89
C LYS D 120 0.20 14.34 -43.39
N VAL D 121 0.36 13.14 -42.82
CA VAL D 121 0.18 12.96 -41.38
C VAL D 121 1.35 13.56 -40.61
N VAL D 122 1.05 14.58 -39.80
CA VAL D 122 2.08 15.29 -39.06
C VAL D 122 1.87 15.16 -37.55
N LEU D 123 0.64 14.89 -37.14
CA LEU D 123 0.32 14.68 -35.73
C LEU D 123 -0.59 13.48 -35.53
N PHE D 124 -0.45 12.82 -34.39
CA PHE D 124 -1.44 11.88 -33.90
C PHE D 124 -2.15 12.53 -32.73
N LEU D 125 -3.48 12.49 -32.75
CA LEU D 125 -4.29 12.88 -31.61
C LEU D 125 -4.74 11.64 -30.86
N CYS D 126 -4.40 11.56 -29.57
CA CYS D 126 -4.81 10.44 -28.74
C CYS D 126 -5.69 10.91 -27.59
N THR D 127 -6.93 10.44 -27.57
CA THR D 127 -7.91 10.85 -26.56
C THR D 127 -8.15 9.73 -25.56
N PHE D 128 -8.31 10.10 -24.28
CA PHE D 128 -8.42 9.14 -23.19
C PHE D 128 -9.64 9.40 -22.30
N SER D 129 -10.33 8.33 -21.91
CA SER D 129 -11.40 8.42 -20.92
C SER D 129 -11.39 7.22 -19.97
N ASP D 130 -11.71 7.49 -18.70
CA ASP D 130 -11.76 6.47 -17.65
C ASP D 130 -13.08 5.69 -17.73
N ILE D 131 -12.99 4.41 -18.12
CA ILE D 131 -14.16 3.55 -18.28
C ILE D 131 -14.21 2.44 -17.23
N THR D 132 -13.54 2.63 -16.10
CA THR D 132 -13.41 1.59 -15.08
C THR D 132 -14.69 1.39 -14.25
N GLY E 1 -26.46 7.54 28.74
CA GLY E 1 -26.36 7.45 27.29
C GLY E 1 -27.47 6.58 26.74
N ALA E 2 -27.64 6.61 25.42
CA ALA E 2 -28.73 5.87 24.79
C ALA E 2 -28.45 4.36 24.69
N MET E 3 -27.17 4.00 24.67
CA MET E 3 -26.79 2.59 24.57
C MET E 3 -27.24 1.81 25.80
N GLY E 4 -27.77 0.62 25.58
CA GLY E 4 -28.25 -0.21 26.67
C GLY E 4 -29.59 0.24 27.22
N THR E 5 -30.29 1.08 26.47
CA THR E 5 -31.66 1.48 26.83
C THR E 5 -32.65 1.03 25.77
N GLU E 6 -33.94 1.23 26.04
CA GLU E 6 -35.01 0.86 25.11
C GLU E 6 -34.95 1.65 23.80
N LYS E 7 -34.14 2.70 23.76
CA LYS E 7 -33.92 3.44 22.53
C LYS E 7 -33.18 2.61 21.47
N VAL E 8 -32.57 1.51 21.91
CA VAL E 8 -31.88 0.62 20.98
C VAL E 8 -32.87 -0.40 20.41
N LEU E 9 -33.04 -0.39 19.08
CA LEU E 9 -34.05 -1.20 18.41
C LEU E 9 -33.39 -2.31 17.60
N GLN E 10 -34.10 -3.43 17.43
CA GLN E 10 -33.65 -4.49 16.52
C GLN E 10 -33.76 -3.97 15.10
N ILE E 11 -32.76 -4.27 14.28
CA ILE E 11 -32.84 -3.91 12.87
C ILE E 11 -33.89 -4.79 12.20
N CYS E 12 -33.88 -6.08 12.52
CA CYS E 12 -34.81 -7.02 11.89
C CYS E 12 -35.83 -7.54 12.87
N PRO E 13 -37.11 -7.56 12.46
CA PRO E 13 -38.10 -8.31 13.25
C PRO E 13 -37.79 -9.80 13.17
N LYS E 14 -38.13 -10.57 14.21
CA LYS E 14 -37.66 -11.95 14.33
C LYS E 14 -38.22 -12.94 13.29
N ASP E 15 -39.36 -12.58 12.70
CA ASP E 15 -40.01 -13.42 11.69
C ASP E 15 -39.70 -12.99 10.25
N MET E 16 -38.96 -11.89 10.10
CA MET E 16 -38.54 -11.42 8.78
C MET E 16 -37.68 -12.47 8.08
N ARG E 17 -37.95 -12.69 6.80
CA ARG E 17 -37.17 -13.61 5.98
C ARG E 17 -35.69 -13.26 6.06
N ALA E 18 -34.86 -14.28 6.29
CA ALA E 18 -33.44 -14.11 6.54
C ALA E 18 -32.73 -13.26 5.50
N ASP E 19 -33.05 -13.46 4.22
CA ASP E 19 -32.36 -12.74 3.15
C ASP E 19 -32.70 -11.26 3.14
N ILE E 20 -33.94 -10.94 3.53
CA ILE E 20 -34.33 -9.53 3.63
C ILE E 20 -33.62 -8.88 4.82
N CYS E 21 -33.52 -9.60 5.93
CA CYS E 21 -32.79 -9.11 7.09
C CYS E 21 -31.33 -8.78 6.74
N VAL E 22 -30.68 -9.65 5.97
CA VAL E 22 -29.31 -9.36 5.51
C VAL E 22 -29.29 -8.10 4.65
N HIS E 23 -30.27 -7.95 3.77
CA HIS E 23 -30.39 -6.76 2.95
C HIS E 23 -30.48 -5.50 3.80
N LEU E 24 -31.24 -5.57 4.90
CA LEU E 24 -31.42 -4.42 5.79
C LEU E 24 -30.12 -3.99 6.46
N ASN E 25 -29.15 -4.89 6.46
CA ASN E 25 -27.87 -4.63 7.10
C ASN E 25 -26.79 -4.18 6.10
N ARG E 26 -27.18 -3.97 4.85
CA ARG E 26 -26.20 -3.70 3.79
C ARG E 26 -25.27 -2.49 4.04
N LYS E 27 -25.76 -1.45 4.70
CA LYS E 27 -24.94 -0.23 4.91
C LYS E 27 -23.67 -0.50 5.71
N VAL E 28 -23.69 -1.58 6.49
CA VAL E 28 -22.49 -2.05 7.16
C VAL E 28 -21.90 -3.23 6.40
N PHE E 29 -22.73 -4.24 6.09
CA PHE E 29 -22.22 -5.51 5.55
C PHE E 29 -21.55 -5.37 4.19
N LYS E 30 -22.03 -4.44 3.37
CA LYS E 30 -21.52 -4.29 2.01
C LYS E 30 -20.49 -3.18 1.89
N GLU E 31 -20.24 -2.47 2.99
CA GLU E 31 -19.35 -1.31 2.92
C GLU E 31 -18.10 -1.50 3.76
N HIS E 32 -18.19 -2.31 4.81
CA HIS E 32 -17.03 -2.47 5.67
C HIS E 32 -16.26 -3.75 5.35
N PRO E 33 -14.97 -3.64 5.04
CA PRO E 33 -14.15 -4.77 4.59
C PRO E 33 -14.09 -5.94 5.58
N ALA E 34 -14.39 -5.72 6.85
CA ALA E 34 -14.32 -6.80 7.84
C ALA E 34 -15.36 -7.87 7.56
N PHE E 35 -16.41 -7.54 6.81
CA PHE E 35 -17.48 -8.48 6.55
C PHE E 35 -17.29 -9.29 5.25
N ARG E 36 -16.16 -9.09 4.59
CA ARG E 36 -15.95 -9.58 3.22
C ARG E 36 -16.16 -11.04 2.84
N LEU E 37 -15.76 -11.97 3.69
CA LEU E 37 -15.71 -13.37 3.25
C LEU E 37 -16.72 -14.24 3.99
N ALA E 38 -17.71 -13.59 4.59
CA ALA E 38 -18.68 -14.31 5.40
C ALA E 38 -19.54 -15.24 4.57
N SER E 39 -19.82 -16.43 5.08
CA SER E 39 -20.80 -17.32 4.45
C SER E 39 -22.22 -16.75 4.67
N ASP E 40 -23.19 -17.25 3.92
CA ASP E 40 -24.57 -16.83 4.09
C ASP E 40 -25.05 -17.04 5.52
N GLY E 41 -24.79 -18.23 6.06
CA GLY E 41 -25.18 -18.53 7.42
C GLY E 41 -24.59 -17.50 8.37
N CYS E 42 -23.34 -17.12 8.12
CA CYS E 42 -22.67 -16.14 8.96
C CYS E 42 -23.35 -14.77 8.87
N LEU E 43 -23.62 -14.31 7.65
CA LEU E 43 -24.26 -13.00 7.47
C LEU E 43 -25.66 -13.01 8.06
N ARG E 44 -26.35 -14.14 7.94
CA ARG E 44 -27.69 -14.23 8.47
C ARG E 44 -27.70 -14.18 9.99
N ALA E 45 -26.73 -14.87 10.60
CA ALA E 45 -26.59 -14.86 12.05
C ALA E 45 -26.27 -13.45 12.54
N LEU E 46 -25.33 -12.78 11.88
CA LEU E 46 -25.00 -11.40 12.25
C LEU E 46 -26.19 -10.44 12.05
N ALA E 47 -26.88 -10.58 10.93
CA ALA E 47 -27.99 -9.68 10.58
C ALA E 47 -29.07 -9.68 11.65
N MET E 48 -29.33 -10.88 12.20
CA MET E 48 -30.36 -11.05 13.24
C MET E 48 -29.97 -10.48 14.61
N GLU E 49 -28.68 -10.27 14.83
CA GLU E 49 -28.23 -9.69 16.10
C GLU E 49 -28.06 -8.17 16.08
N PHE E 50 -27.92 -7.59 14.89
CA PHE E 50 -27.62 -6.17 14.81
C PHE E 50 -28.77 -5.32 15.27
N GLN E 51 -28.44 -4.20 15.92
CA GLN E 51 -29.45 -3.28 16.39
C GLN E 51 -29.16 -1.93 15.79
N THR E 52 -30.10 -1.00 15.98
CA THR E 52 -29.90 0.34 15.48
C THR E 52 -30.28 1.40 16.54
N VAL E 53 -29.55 2.51 16.53
CA VAL E 53 -29.79 3.61 17.47
C VAL E 53 -29.98 4.87 16.63
N HIS E 54 -31.05 5.62 16.89
CA HIS E 54 -31.32 6.88 16.19
C HIS E 54 -31.25 8.04 17.19
N CYS E 55 -30.28 8.93 17.01
CA CYS E 55 -30.07 10.02 17.96
C CYS E 55 -30.40 11.38 17.37
N ALA E 56 -30.83 12.30 18.24
CA ALA E 56 -31.03 13.70 17.86
C ALA E 56 -29.77 14.46 18.23
N PRO E 57 -29.57 15.66 17.64
CA PRO E 57 -28.45 16.52 18.02
C PRO E 57 -28.41 16.77 19.53
N GLY E 58 -27.25 16.51 20.15
CA GLY E 58 -27.11 16.73 21.57
C GLY E 58 -27.30 15.48 22.41
N ASP E 59 -27.89 14.43 21.83
CA ASP E 59 -28.08 13.18 22.56
C ASP E 59 -26.74 12.52 22.87
N LEU E 60 -26.63 11.95 24.07
CA LEU E 60 -25.44 11.17 24.40
C LEU E 60 -25.66 9.74 23.97
N ILE E 61 -24.68 9.18 23.25
CA ILE E 61 -24.68 7.78 22.90
C ILE E 61 -24.07 6.99 24.08
N TYR E 62 -22.94 7.47 24.58
CA TYR E 62 -22.32 6.97 25.80
C TYR E 62 -21.97 8.13 26.69
N HIS E 63 -22.13 7.94 27.99
CA HIS E 63 -21.53 8.81 29.00
C HIS E 63 -20.25 8.18 29.50
N ALA E 64 -19.24 9.01 29.78
CA ALA E 64 -18.03 8.54 30.46
C ALA E 64 -18.43 7.74 31.68
N GLY E 65 -17.82 6.57 31.86
CA GLY E 65 -18.14 5.75 33.03
C GLY E 65 -19.14 4.64 32.73
N GLU E 66 -19.81 4.73 31.58
CA GLU E 66 -20.79 3.69 31.20
C GLU E 66 -20.11 2.48 30.61
N SER E 67 -20.69 1.30 30.81
CA SER E 67 -20.11 0.10 30.23
C SER E 67 -20.32 0.12 28.74
N VAL E 68 -19.26 -0.21 28.00
CA VAL E 68 -19.31 -0.30 26.55
C VAL E 68 -19.34 -1.79 26.20
N ASP E 69 -20.50 -2.28 25.78
CA ASP E 69 -20.67 -3.72 25.54
C ASP E 69 -20.94 -4.03 24.06
N SER E 70 -20.80 -3.01 23.21
CA SER E 70 -21.15 -3.13 21.80
C SER E 70 -20.09 -2.54 20.88
N LEU E 71 -20.03 -3.05 19.65
CA LEU E 71 -19.29 -2.38 18.58
C LEU E 71 -20.29 -1.52 17.82
N CYS E 72 -19.93 -0.27 17.58
CA CYS E 72 -20.87 0.72 17.02
C CYS E 72 -20.37 1.22 15.67
N PHE E 73 -21.24 1.14 14.65
CA PHE E 73 -20.89 1.57 13.32
C PHE E 73 -21.70 2.81 12.96
N VAL E 74 -21.04 3.92 12.64
CA VAL E 74 -21.78 5.12 12.25
C VAL E 74 -22.25 4.97 10.79
N VAL E 75 -23.57 4.96 10.59
CA VAL E 75 -24.13 4.78 9.26
C VAL E 75 -24.60 6.12 8.66
N SER E 76 -24.92 7.07 9.51
CA SER E 76 -25.34 8.40 9.05
C SER E 76 -25.07 9.43 10.13
N GLY E 77 -24.73 10.65 9.74
CA GLY E 77 -24.57 11.72 10.70
C GLY E 77 -23.17 11.83 11.27
N SER E 78 -23.00 12.71 12.26
CA SER E 78 -21.69 12.85 12.88
C SER E 78 -21.78 13.03 14.39
N LEU E 79 -20.70 12.64 15.08
CA LEU E 79 -20.67 12.64 16.55
C LEU E 79 -19.38 13.26 17.01
N GLU E 80 -19.37 13.76 18.25
CA GLU E 80 -18.13 14.19 18.88
C GLU E 80 -17.79 13.28 20.06
N VAL E 81 -16.50 13.03 20.23
CA VAL E 81 -16.04 12.28 21.39
C VAL E 81 -15.43 13.31 22.31
N ILE E 82 -15.90 13.34 23.55
CA ILE E 82 -15.53 14.38 24.48
C ILE E 82 -14.91 13.76 25.73
N GLN E 83 -13.68 14.15 26.04
CA GLN E 83 -13.01 13.65 27.23
C GLN E 83 -12.56 14.83 28.04
N ASP E 84 -12.89 14.82 29.34
CA ASP E 84 -12.53 15.92 30.26
C ASP E 84 -13.01 17.26 29.72
N ASP E 85 -14.22 17.27 29.18
CA ASP E 85 -14.86 18.48 28.64
C ASP E 85 -14.20 19.03 27.37
N GLU E 86 -13.33 18.24 26.72
CA GLU E 86 -12.71 18.67 25.46
C GLU E 86 -13.01 17.74 24.31
N VAL E 87 -13.14 18.29 23.11
CA VAL E 87 -13.31 17.45 21.92
C VAL E 87 -12.01 16.71 21.58
N VAL E 88 -12.05 15.38 21.51
CA VAL E 88 -10.87 14.60 21.16
C VAL E 88 -11.05 13.86 19.83
N ALA E 89 -12.29 13.78 19.33
CA ALA E 89 -12.54 13.20 18.01
C ALA E 89 -13.87 13.60 17.43
N ILE E 90 -13.93 13.72 16.10
CA ILE E 90 -15.21 13.88 15.39
C ILE E 90 -15.39 12.63 14.57
N LEU E 91 -16.50 11.92 14.75
CA LEU E 91 -16.75 10.70 14.02
C LEU E 91 -17.86 10.94 12.99
N GLY E 92 -17.82 10.19 11.89
CA GLY E 92 -18.81 10.34 10.83
C GLY E 92 -19.05 9.02 10.14
N LYS E 93 -19.77 9.06 9.02
CA LYS E 93 -20.18 7.87 8.31
C LYS E 93 -19.00 6.94 8.01
N GLY E 94 -19.13 5.68 8.39
CA GLY E 94 -18.08 4.70 8.09
C GLY E 94 -17.19 4.42 9.29
N ASP E 95 -17.25 5.30 10.30
CA ASP E 95 -16.40 5.11 11.48
C ASP E 95 -16.95 4.03 12.40
N VAL E 96 -16.05 3.38 13.13
CA VAL E 96 -16.41 2.33 14.07
C VAL E 96 -15.80 2.70 15.42
N PHE E 97 -16.55 2.51 16.50
CA PHE E 97 -16.01 2.79 17.84
C PHE E 97 -16.49 1.76 18.85
N GLY E 98 -15.81 1.71 19.99
CA GLY E 98 -16.10 0.68 20.97
C GLY E 98 -14.83 0.37 21.74
N ASP E 99 -14.72 -0.86 22.22
CA ASP E 99 -13.57 -1.29 23.01
C ASP E 99 -12.56 -1.97 22.08
N VAL E 100 -11.31 -1.54 22.10
CA VAL E 100 -10.28 -2.21 21.30
C VAL E 100 -10.20 -3.71 21.67
N PHE E 101 -10.48 -4.03 22.94
CA PHE E 101 -10.50 -5.42 23.40
C PHE E 101 -11.88 -6.10 23.33
N TRP E 102 -12.72 -5.70 22.38
CA TRP E 102 -14.06 -6.27 22.23
C TRP E 102 -14.07 -7.79 22.11
N LYS E 103 -13.01 -8.36 21.57
CA LYS E 103 -12.96 -9.80 21.33
C LYS E 103 -12.84 -10.62 22.61
N GLU E 104 -12.07 -10.13 23.57
CA GLU E 104 -11.82 -10.89 24.79
C GLU E 104 -12.56 -10.33 26.01
N ALA E 105 -12.42 -9.02 26.22
CA ALA E 105 -13.04 -8.35 27.35
C ALA E 105 -14.57 -8.36 27.28
N THR E 106 -15.20 -8.59 28.43
CA THR E 106 -16.66 -8.55 28.51
C THR E 106 -17.20 -7.12 28.35
N LEU E 107 -16.47 -6.14 28.89
CA LEU E 107 -16.87 -4.74 28.79
C LEU E 107 -15.73 -3.79 29.21
N ALA E 108 -15.77 -2.58 28.67
CA ALA E 108 -14.93 -1.48 29.15
C ALA E 108 -15.83 -0.40 29.73
N GLN E 109 -15.37 0.34 30.73
CA GLN E 109 -16.06 1.57 31.09
C GLN E 109 -15.54 2.64 30.15
N SER E 110 -16.43 3.39 29.53
CA SER E 110 -16.00 4.42 28.59
C SER E 110 -15.20 5.52 29.26
N CYS E 111 -14.10 5.93 28.64
CA CYS E 111 -13.32 7.05 29.15
C CYS E 111 -13.84 8.38 28.66
N ALA E 112 -14.83 8.35 27.76
CA ALA E 112 -15.30 9.59 27.14
C ALA E 112 -16.82 9.60 26.95
N ASN E 113 -17.40 10.80 26.82
CA ASN E 113 -18.79 10.96 26.38
C ASN E 113 -18.78 10.85 24.86
N VAL E 114 -19.84 10.32 24.26
CA VAL E 114 -19.95 10.29 22.82
C VAL E 114 -21.26 10.97 22.49
N ARG E 115 -21.21 12.13 21.81
CA ARG E 115 -22.41 12.96 21.66
C ARG E 115 -22.72 13.27 20.21
N ALA E 116 -23.99 13.13 19.84
CA ALA E 116 -24.42 13.40 18.46
C ALA E 116 -24.33 14.88 18.13
N LEU E 117 -23.72 15.20 16.99
CA LEU E 117 -23.67 16.57 16.48
C LEU E 117 -24.87 16.87 15.62
N THR E 118 -25.33 15.84 14.88
CA THR E 118 -26.51 15.96 14.03
C THR E 118 -27.40 14.78 14.37
N TYR E 119 -28.53 14.69 13.70
CA TYR E 119 -29.29 13.45 13.71
C TYR E 119 -28.34 12.34 13.24
N CYS E 120 -28.31 11.24 13.97
CA CYS E 120 -27.32 10.19 13.73
C CYS E 120 -27.97 8.84 13.76
N ASP E 121 -27.49 7.96 12.89
CA ASP E 121 -27.92 6.56 12.89
C ASP E 121 -26.70 5.68 13.11
N LEU E 122 -26.80 4.78 14.09
CA LEU E 122 -25.74 3.80 14.35
C LEU E 122 -26.31 2.41 14.14
N HIS E 123 -25.50 1.51 13.59
CA HIS E 123 -25.82 0.09 13.68
C HIS E 123 -24.86 -0.47 14.71
N VAL E 124 -25.39 -1.17 15.70
CA VAL E 124 -24.57 -1.67 16.81
C VAL E 124 -24.77 -3.17 17.00
N ILE E 125 -23.73 -3.84 17.49
CA ILE E 125 -23.89 -5.24 17.85
C ILE E 125 -23.18 -5.52 19.16
N LYS E 126 -23.87 -6.20 20.06
CA LYS E 126 -23.28 -6.55 21.35
C LYS E 126 -22.10 -7.47 21.12
N ARG E 127 -21.01 -7.27 21.86
CA ARG E 127 -19.84 -8.09 21.58
C ARG E 127 -20.02 -9.54 21.99
N ASP E 128 -20.92 -9.81 22.93
CA ASP E 128 -21.12 -11.23 23.30
C ASP E 128 -21.83 -12.01 22.19
N ALA E 129 -22.82 -11.37 21.55
CA ALA E 129 -23.47 -11.98 20.38
C ALA E 129 -22.48 -12.15 19.23
N LEU E 130 -21.69 -11.11 18.99
CA LEU E 130 -20.65 -11.19 17.97
C LEU E 130 -19.64 -12.32 18.27
N GLN E 131 -19.18 -12.44 19.52
CA GLN E 131 -18.20 -13.48 19.87
C GLN E 131 -18.75 -14.88 19.59
N LYS E 132 -20.04 -15.06 19.85
CA LYS E 132 -20.69 -16.35 19.64
C LYS E 132 -20.67 -16.76 18.16
N VAL E 133 -20.93 -15.79 17.29
CA VAL E 133 -20.86 -16.03 15.85
C VAL E 133 -19.43 -16.35 15.42
N LEU E 134 -18.47 -15.58 15.92
CA LEU E 134 -17.08 -15.74 15.50
C LEU E 134 -16.43 -17.03 15.99
N GLU E 135 -16.93 -17.56 17.11
CA GLU E 135 -16.37 -18.79 17.66
C GLU E 135 -16.87 -20.00 16.88
N PHE E 136 -17.89 -19.79 16.04
CA PHE E 136 -18.34 -20.84 15.12
C PHE E 136 -17.68 -20.68 13.75
N TYR E 137 -17.84 -19.51 13.14
CA TYR E 137 -17.21 -19.24 11.84
C TYR E 137 -15.74 -18.85 12.03
N THR E 138 -14.91 -19.86 12.29
CA THR E 138 -13.52 -19.65 12.71
C THR E 138 -12.66 -18.93 11.67
N ALA E 139 -12.76 -19.30 10.40
CA ALA E 139 -11.99 -18.59 9.39
C ALA E 139 -12.47 -17.14 9.31
N PHE E 140 -13.79 -16.93 9.42
CA PHE E 140 -14.31 -15.57 9.37
C PHE E 140 -13.80 -14.76 10.57
N SER E 141 -13.69 -15.39 11.72
CA SER E 141 -13.18 -14.70 12.90
C SER E 141 -11.78 -14.11 12.64
N HIS E 142 -10.94 -14.86 11.93
CA HIS E 142 -9.61 -14.36 11.60
C HIS E 142 -9.65 -13.14 10.67
N SER E 143 -10.39 -13.23 9.56
CA SER E 143 -10.43 -12.11 8.62
C SER E 143 -11.20 -10.89 9.20
N PHE E 144 -12.24 -11.15 9.98
CA PHE E 144 -12.98 -10.05 10.63
C PHE E 144 -12.08 -9.21 11.56
N SER E 145 -11.36 -9.87 12.48
CA SER E 145 -10.50 -9.17 13.45
C SER E 145 -9.35 -8.47 12.77
N ARG E 146 -8.82 -9.10 11.74
CA ARG E 146 -7.74 -8.53 10.95
C ARG E 146 -8.16 -7.19 10.34
N ASN E 147 -9.42 -7.09 9.91
CA ASN E 147 -9.86 -5.94 9.13
C ASN E 147 -10.80 -4.98 9.85
N LEU E 148 -11.10 -5.26 11.11
CA LEU E 148 -11.92 -4.35 11.92
C LEU E 148 -11.03 -3.41 12.71
N ILE E 149 -10.84 -2.19 12.20
CA ILE E 149 -10.03 -1.18 12.88
C ILE E 149 -10.92 -0.09 13.45
N LEU E 150 -10.88 0.11 14.78
CA LEU E 150 -11.73 1.09 15.44
C LEU E 150 -11.21 2.47 15.12
N THR E 151 -12.11 3.40 14.81
CA THR E 151 -11.72 4.79 14.62
C THR E 151 -11.44 5.42 15.96
N TYR E 152 -12.16 4.96 16.98
CA TYR E 152 -11.95 5.48 18.33
C TYR E 152 -12.07 4.35 19.36
N ASN E 153 -11.09 4.25 20.25
CA ASN E 153 -11.12 3.24 21.32
C ASN E 153 -11.57 3.85 22.64
N LEU E 154 -12.77 3.51 23.10
CA LEU E 154 -13.35 4.13 24.31
C LEU E 154 -12.72 3.64 25.64
N ARG E 155 -11.91 2.60 25.58
CA ARG E 155 -11.29 2.08 26.80
C ARG E 155 -10.14 2.95 27.31
N LYS E 156 -9.41 3.58 26.40
CA LYS E 156 -8.16 4.25 26.77
C LYS E 156 -8.33 5.77 26.88
N ARG E 157 -7.88 6.35 27.98
CA ARG E 157 -8.04 7.79 28.10
C ARG E 157 -6.83 8.47 27.46
N ILE E 158 -7.06 9.60 26.81
CA ILE E 158 -5.97 10.41 26.25
C ILE E 158 -5.34 11.24 27.38
N VAL E 159 -4.01 11.21 27.49
CA VAL E 159 -3.30 12.12 28.39
C VAL E 159 -3.00 13.41 27.62
N PHE E 160 -3.57 14.53 28.03
CA PHE E 160 -3.30 15.79 27.33
C PHE E 160 -3.38 16.96 28.32
N ARG E 161 -2.87 18.12 27.94
CA ARG E 161 -3.06 19.32 28.76
C ARG E 161 -3.59 20.46 27.92
N LYS E 162 -4.31 21.38 28.56
CA LYS E 162 -4.81 22.55 27.86
C LYS E 162 -3.71 23.59 27.87
N ILE E 163 -3.56 24.28 26.75
CA ILE E 163 -2.53 25.31 26.60
C ILE E 163 -2.69 26.36 27.68
N SER E 164 -3.94 26.70 27.99
CA SER E 164 -4.20 27.75 28.96
C SER E 164 -3.72 27.34 30.36
N ASP E 165 -3.80 26.05 30.68
CA ASP E 165 -3.33 25.61 32.00
C ASP E 165 -1.80 25.59 32.07
N VAL E 166 -1.15 25.14 31.00
CA VAL E 166 0.29 25.15 30.91
C VAL E 166 0.82 26.58 31.07
N LYS E 167 0.24 27.51 30.31
CA LYS E 167 0.59 28.93 30.40
C LYS E 167 0.33 29.54 31.77
N ARG E 168 -0.85 29.31 32.34
CA ARG E 168 -1.20 29.82 33.67
C ARG E 168 -0.18 29.34 34.70
N GLU E 169 0.43 28.18 34.43
CA GLU E 169 1.39 27.57 35.33
C GLU E 169 2.79 28.16 35.21
N GLU E 170 3.14 28.64 34.03
CA GLU E 170 4.39 29.40 33.88
C GLU E 170 4.29 30.69 34.71
N GLU E 171 5.09 30.76 35.77
CA GLU E 171 5.04 31.90 36.70
C GLU E 171 6.24 32.82 36.53
N THR F 14 -20.02 20.75 19.08
CA THR F 14 -18.89 21.01 18.19
C THR F 14 -19.33 21.69 16.90
N PHE F 15 -20.15 22.74 17.02
CA PHE F 15 -20.66 23.48 15.88
C PHE F 15 -19.54 23.97 14.95
N LEU F 16 -18.51 24.57 15.55
CA LEU F 16 -17.39 25.08 14.77
C LEU F 16 -16.62 23.95 14.10
N GLU F 17 -16.44 22.83 14.81
CA GLU F 17 -15.85 21.62 14.22
C GLU F 17 -16.66 21.13 13.02
N ASN F 18 -17.95 20.90 13.25
CA ASN F 18 -18.86 20.41 12.22
C ASN F 18 -18.98 21.36 11.03
N ILE F 19 -19.12 22.65 11.31
CA ILE F 19 -19.23 23.66 10.25
C ILE F 19 -18.04 23.66 9.28
N VAL F 20 -16.85 23.33 9.77
CA VAL F 20 -15.66 23.37 8.93
C VAL F 20 -15.26 21.97 8.41
N ARG F 21 -16.24 21.06 8.37
CA ARG F 21 -16.07 19.77 7.71
C ARG F 21 -16.81 19.78 6.38
N ARG F 22 -16.78 20.92 5.70
CA ARG F 22 -17.45 21.07 4.40
C ARG F 22 -16.54 21.70 3.34
N SER F 23 -15.22 21.55 3.53
CA SER F 23 -14.25 21.98 2.53
C SER F 23 -14.35 21.09 1.31
N ASN F 24 -14.04 21.62 0.14
CA ASN F 24 -14.25 20.92 -1.14
C ASN F 24 -13.25 19.81 -1.42
N ASP F 25 -12.68 19.82 -2.62
CA ASP F 25 -11.65 18.85 -3.02
C ASP F 25 -10.29 19.20 -2.44
N THR F 26 -10.22 19.33 -1.12
CA THR F 26 -8.95 19.59 -0.46
C THR F 26 -8.58 18.44 0.48
N ASN F 27 -7.32 18.43 0.92
CA ASN F 27 -6.83 17.42 1.84
C ASN F 27 -6.60 18.17 3.13
N PHE F 28 -7.31 17.82 4.18
CA PHE F 28 -7.23 18.61 5.41
C PHE F 28 -7.39 17.82 6.70
N VAL F 29 -6.89 18.40 7.80
CA VAL F 29 -7.20 17.92 9.14
C VAL F 29 -7.65 19.10 9.99
N LEU F 30 -8.38 18.82 11.07
CA LEU F 30 -8.76 19.83 12.05
C LEU F 30 -8.06 19.50 13.35
N GLY F 31 -7.34 20.47 13.91
CA GLY F 31 -6.64 20.25 15.16
C GLY F 31 -7.34 21.05 16.24
N ASN F 32 -7.39 20.50 17.46
CA ASN F 32 -7.99 21.22 18.56
C ASN F 32 -7.07 22.34 19.03
N ALA F 33 -7.47 23.60 18.85
CA ALA F 33 -6.59 24.74 19.11
C ALA F 33 -6.29 24.97 20.59
N GLN F 34 -7.09 24.38 21.47
CA GLN F 34 -6.98 24.67 22.91
C GLN F 34 -6.07 23.69 23.66
N ILE F 35 -5.58 22.68 22.97
CA ILE F 35 -4.85 21.59 23.62
C ILE F 35 -3.41 21.52 23.12
N VAL F 36 -2.47 21.28 24.05
CA VAL F 36 -1.04 21.22 23.72
C VAL F 36 -0.77 20.25 22.58
N ASP F 37 0.06 20.68 21.63
CA ASP F 37 0.40 19.94 20.41
C ASP F 37 -0.71 20.00 19.35
N TRP F 38 -1.82 20.67 19.67
CA TRP F 38 -2.92 20.86 18.72
C TRP F 38 -3.39 19.57 18.05
N PRO F 39 -3.84 18.59 18.86
CA PRO F 39 -4.17 17.24 18.35
C PRO F 39 -5.27 17.22 17.30
N ILE F 40 -5.09 16.33 16.33
CA ILE F 40 -6.05 16.17 15.23
C ILE F 40 -7.31 15.49 15.74
N VAL F 41 -8.47 16.09 15.48
CA VAL F 41 -9.74 15.50 15.89
C VAL F 41 -10.53 15.02 14.67
N TYR F 42 -10.06 15.41 13.48
CA TYR F 42 -10.69 15.00 12.22
C TYR F 42 -9.69 15.08 11.07
N SER F 43 -9.67 14.05 10.22
CA SER F 43 -8.93 14.14 8.96
C SER F 43 -9.83 13.62 7.85
N ASN F 44 -9.79 14.24 6.67
CA ASN F 44 -10.70 13.77 5.63
C ASN F 44 -10.04 12.69 4.80
N ASP F 45 -10.82 12.05 3.93
CA ASP F 45 -10.30 10.98 3.08
C ASP F 45 -9.10 11.46 2.26
N GLY F 46 -9.17 12.70 1.78
CA GLY F 46 -8.11 13.26 0.94
C GLY F 46 -6.78 13.32 1.67
N PHE F 47 -6.79 13.74 2.93
CA PHE F 47 -5.54 13.78 3.69
C PHE F 47 -4.99 12.38 3.89
N CYS F 48 -5.89 11.45 4.17
CA CYS F 48 -5.45 10.08 4.45
C CYS F 48 -4.84 9.46 3.21
N LYS F 49 -5.42 9.75 2.05
CA LYS F 49 -4.86 9.27 0.79
C LYS F 49 -3.52 9.92 0.50
N LEU F 50 -3.45 11.24 0.69
CA LEU F 50 -2.22 11.98 0.40
C LEU F 50 -1.06 11.52 1.30
N SER F 51 -1.31 11.42 2.61
CA SER F 51 -0.28 11.03 3.57
C SER F 51 0.00 9.53 3.60
N GLY F 52 -0.97 8.75 3.17
CA GLY F 52 -0.83 7.31 3.22
C GLY F 52 -1.22 6.71 4.56
N TYR F 53 -1.63 7.55 5.51
CA TYR F 53 -2.06 7.08 6.83
C TYR F 53 -3.56 6.82 6.93
N HIS F 54 -3.93 5.83 7.74
CA HIS F 54 -5.33 5.56 8.06
C HIS F 54 -5.86 6.61 9.03
N ARG F 55 -7.13 6.97 8.88
CA ARG F 55 -7.81 7.90 9.77
C ARG F 55 -7.58 7.60 11.26
N ALA F 56 -7.70 6.33 11.64
CA ALA F 56 -7.56 5.94 13.06
C ALA F 56 -6.15 6.22 13.56
N GLU F 57 -5.17 6.14 12.66
CA GLU F 57 -3.78 6.41 13.02
C GLU F 57 -3.50 7.91 13.12
N VAL F 58 -4.20 8.71 12.31
CA VAL F 58 -3.99 10.17 12.31
C VAL F 58 -4.61 10.84 13.56
N MET F 59 -5.68 10.25 14.08
CA MET F 59 -6.39 10.84 15.22
C MET F 59 -5.45 11.10 16.38
N GLN F 60 -5.56 12.29 16.96
CA GLN F 60 -4.75 12.71 18.13
C GLN F 60 -3.25 12.91 17.86
N LYS F 61 -2.81 12.72 16.61
CA LYS F 61 -1.46 13.16 16.24
C LYS F 61 -1.47 14.69 16.21
N SER F 62 -0.31 15.33 16.28
CA SER F 62 -0.28 16.80 16.19
C SER F 62 -0.70 17.30 14.80
N SER F 63 -1.56 18.30 14.74
CA SER F 63 -1.95 18.84 13.43
C SER F 63 -0.82 19.61 12.76
N ALA F 64 0.27 19.86 13.50
CA ALA F 64 1.51 20.34 12.88
C ALA F 64 2.19 19.22 12.10
N CYS F 65 1.68 17.99 12.26
CA CYS F 65 2.14 16.82 11.51
C CYS F 65 3.57 16.40 11.78
N SER F 66 4.01 16.60 13.02
CA SER F 66 5.33 16.15 13.43
C SER F 66 5.52 14.65 13.20
N PHE F 67 4.42 13.89 13.18
CA PHE F 67 4.53 12.44 12.99
C PHE F 67 5.06 12.11 11.60
N MET F 68 5.05 13.11 10.71
CA MET F 68 5.53 12.94 9.35
C MET F 68 6.91 13.57 9.09
N TYR F 69 7.52 14.20 10.10
CA TYR F 69 8.83 14.83 9.88
C TYR F 69 9.88 13.73 9.80
N GLY F 70 11.05 14.06 9.27
CA GLY F 70 12.12 13.08 9.19
C GLY F 70 13.42 13.80 8.94
N GLU F 71 14.45 13.07 8.52
CA GLU F 71 15.80 13.61 8.50
C GLU F 71 15.95 14.79 7.53
N LEU F 72 15.23 14.76 6.41
CA LEU F 72 15.37 15.83 5.41
C LEU F 72 14.50 17.07 5.70
N THR F 73 13.57 16.93 6.64
CA THR F 73 12.68 18.04 6.99
C THR F 73 13.46 19.24 7.52
N ASP F 74 13.14 20.44 7.05
CA ASP F 74 13.88 21.63 7.44
C ASP F 74 13.45 22.04 8.85
N LYS F 75 14.37 22.01 9.80
CA LYS F 75 14.01 22.29 11.19
C LYS F 75 13.64 23.76 11.41
N ASP F 76 14.17 24.65 10.56
CA ASP F 76 13.78 26.06 10.64
C ASP F 76 12.32 26.23 10.24
N THR F 77 11.91 25.51 9.18
CA THR F 77 10.51 25.52 8.78
C THR F 77 9.60 24.93 9.86
N VAL F 78 10.06 23.87 10.52
CA VAL F 78 9.32 23.29 11.62
C VAL F 78 9.03 24.31 12.71
N GLU F 79 10.04 25.08 13.07
CA GLU F 79 9.88 26.11 14.11
C GLU F 79 8.91 27.20 13.66
N LYS F 80 9.00 27.58 12.38
CA LYS F 80 8.06 28.57 11.83
C LYS F 80 6.61 28.07 11.82
N VAL F 81 6.41 26.80 11.50
CA VAL F 81 5.08 26.20 11.55
C VAL F 81 4.54 26.22 12.98
N ARG F 82 5.37 25.82 13.93
CA ARG F 82 4.95 25.80 15.32
C ARG F 82 4.57 27.19 15.81
N GLN F 83 5.32 28.20 15.37
CA GLN F 83 5.05 29.56 15.80
C GLN F 83 3.71 30.08 15.28
N THR F 84 3.36 29.68 14.06
CA THR F 84 2.08 30.09 13.48
C THR F 84 0.90 29.56 14.33
N PHE F 85 1.04 28.35 14.86
CA PHE F 85 0.07 27.78 15.80
C PHE F 85 0.08 28.51 17.14
N GLU F 86 1.27 28.78 17.66
CA GLU F 86 1.42 29.47 18.94
C GLU F 86 0.85 30.89 18.90
N ASN F 87 0.94 31.53 17.74
CA ASN F 87 0.51 32.92 17.60
C ASN F 87 -0.86 33.05 16.94
N TYR F 88 -1.54 31.92 16.70
CA TYR F 88 -2.86 31.92 16.07
C TYR F 88 -2.88 32.73 14.79
N GLU F 89 -1.91 32.46 13.91
CA GLU F 89 -1.83 33.20 12.65
C GLU F 89 -2.16 32.29 11.49
N MET F 90 -2.69 32.85 10.42
CA MET F 90 -2.85 32.10 9.20
C MET F 90 -1.54 32.26 8.43
N ASN F 91 -0.94 31.15 8.00
CA ASN F 91 0.30 31.18 7.23
C ASN F 91 0.38 29.94 6.36
N SER F 92 1.16 30.03 5.28
CA SER F 92 1.42 28.90 4.40
C SER F 92 2.92 28.60 4.35
N PHE F 93 3.26 27.33 4.14
CA PHE F 93 4.67 26.91 4.09
C PHE F 93 4.85 25.85 3.05
N GLU F 94 6.10 25.62 2.64
CA GLU F 94 6.45 24.38 1.96
C GLU F 94 7.40 23.60 2.85
N ILE F 95 7.10 22.33 3.06
CA ILE F 95 7.85 21.52 4.01
C ILE F 95 8.00 20.09 3.49
N LEU F 96 9.19 19.54 3.63
CA LEU F 96 9.46 18.19 3.15
C LEU F 96 9.01 17.26 4.24
N MET F 97 8.07 16.37 3.93
CA MET F 97 7.62 15.42 4.96
C MET F 97 7.51 14.02 4.39
N TYR F 98 7.37 13.05 5.27
CA TYR F 98 7.40 11.64 4.88
C TYR F 98 6.03 10.99 4.94
N LYS F 99 5.59 10.46 3.80
CA LYS F 99 4.36 9.68 3.71
C LYS F 99 4.55 8.41 4.53
N LYS F 100 3.45 7.73 4.79
CA LYS F 100 3.54 6.51 5.56
C LYS F 100 4.53 5.55 4.92
N ASN F 101 4.58 5.52 3.59
CA ASN F 101 5.50 4.58 2.91
C ASN F 101 6.96 5.04 2.90
N ARG F 102 7.27 6.08 3.67
CA ARG F 102 8.63 6.60 3.85
C ARG F 102 9.17 7.43 2.69
N THR F 103 8.33 7.78 1.72
CA THR F 103 8.81 8.64 0.65
C THR F 103 8.70 10.10 1.07
N PRO F 104 9.80 10.84 0.89
CA PRO F 104 9.87 12.25 1.25
C PRO F 104 9.22 13.08 0.14
N VAL F 105 8.21 13.84 0.51
CA VAL F 105 7.45 14.62 -0.46
C VAL F 105 7.39 16.10 -0.04
N TRP F 106 7.58 17.00 -0.99
CA TRP F 106 7.38 18.42 -0.74
C TRP F 106 5.89 18.75 -0.67
N PHE F 107 5.43 19.22 0.49
CA PHE F 107 4.03 19.57 0.72
C PHE F 107 3.87 21.07 0.84
N PHE F 108 2.82 21.59 0.22
CA PHE F 108 2.34 22.92 0.51
C PHE F 108 1.30 22.83 1.61
N VAL F 109 1.48 23.64 2.66
CA VAL F 109 0.68 23.48 3.87
C VAL F 109 0.16 24.84 4.23
N LYS F 110 -1.14 24.95 4.45
CA LYS F 110 -1.69 26.20 4.94
C LYS F 110 -2.37 25.96 6.29
N ILE F 111 -2.07 26.83 7.25
CA ILE F 111 -2.57 26.69 8.60
C ILE F 111 -3.48 27.87 8.83
N ALA F 112 -4.71 27.61 9.27
CA ALA F 112 -5.69 28.67 9.46
C ALA F 112 -6.45 28.50 10.77
N PRO F 113 -6.36 29.49 11.66
CA PRO F 113 -7.12 29.45 12.92
C PRO F 113 -8.59 29.65 12.61
N ILE F 114 -9.46 28.85 13.22
CA ILE F 114 -10.89 29.04 13.05
C ILE F 114 -11.54 29.42 14.39
N ARG F 115 -12.24 30.55 14.41
CA ARG F 115 -12.83 31.10 15.63
C ARG F 115 -14.33 30.83 15.71
N ASN F 116 -14.84 30.66 16.92
CA ASN F 116 -16.28 30.55 17.12
C ASN F 116 -16.97 31.92 17.12
N GLU F 117 -18.27 31.91 17.33
CA GLU F 117 -19.07 33.14 17.30
C GLU F 117 -18.62 34.15 18.35
N GLN F 118 -17.98 33.66 19.41
CA GLN F 118 -17.47 34.53 20.48
C GLN F 118 -15.99 34.86 20.26
N ASP F 119 -15.49 34.59 19.05
CA ASP F 119 -14.15 35.00 18.62
C ASP F 119 -12.97 34.26 19.27
N LYS F 120 -13.24 33.11 19.86
CA LYS F 120 -12.19 32.28 20.43
C LYS F 120 -11.73 31.25 19.40
N VAL F 121 -10.42 31.07 19.28
CA VAL F 121 -9.90 30.09 18.33
C VAL F 121 -10.15 28.67 18.86
N VAL F 122 -11.04 27.97 18.17
CA VAL F 122 -11.47 26.63 18.60
C VAL F 122 -10.69 25.54 17.87
N LEU F 123 -10.30 25.82 16.63
CA LEU F 123 -9.54 24.84 15.89
C LEU F 123 -8.63 25.42 14.85
N PHE F 124 -7.69 24.59 14.41
CA PHE F 124 -6.87 24.93 13.26
C PHE F 124 -7.27 24.06 12.07
N LEU F 125 -7.54 24.74 10.96
CA LEU F 125 -7.81 24.07 9.69
C LEU F 125 -6.51 24.03 8.95
N CYS F 126 -5.98 22.82 8.75
CA CYS F 126 -4.69 22.65 8.11
C CYS F 126 -4.87 21.88 6.80
N THR F 127 -4.49 22.49 5.69
CA THR F 127 -4.71 21.89 4.37
C THR F 127 -3.39 21.60 3.69
N PHE F 128 -3.33 20.50 2.93
CA PHE F 128 -2.08 19.96 2.41
C PHE F 128 -2.20 19.60 0.93
N SER F 129 -1.10 19.78 0.20
CA SER F 129 -1.02 19.25 -1.15
C SER F 129 0.43 18.92 -1.53
N ASP F 130 0.58 17.89 -2.36
CA ASP F 130 1.86 17.53 -2.95
C ASP F 130 2.14 18.60 -4.02
N ILE F 131 3.28 19.28 -3.96
CA ILE F 131 3.51 20.36 -4.93
C ILE F 131 3.66 19.88 -6.39
N THR F 132 3.85 18.59 -6.61
CA THR F 132 3.91 18.10 -8.00
C THR F 132 2.55 17.61 -8.50
N ALA F 133 1.53 17.70 -7.64
CA ALA F 133 0.17 17.26 -7.99
C ALA F 133 -0.62 18.35 -8.71
N PHE F 134 -1.67 17.93 -9.43
CA PHE F 134 -2.46 18.82 -10.28
C PHE F 134 -3.03 20.03 -9.54
N ALA G 2 -14.91 -41.59 14.59
CA ALA G 2 -15.95 -41.54 13.58
C ALA G 2 -17.22 -42.23 14.05
N MET G 3 -17.31 -43.52 13.76
CA MET G 3 -18.45 -44.33 14.19
C MET G 3 -18.46 -44.48 15.72
N GLY G 4 -19.49 -45.17 16.23
CA GLY G 4 -19.55 -45.52 17.63
C GLY G 4 -19.25 -47.00 17.82
N THR G 5 -18.57 -47.57 16.82
CA THR G 5 -18.32 -49.01 16.79
C THR G 5 -16.90 -49.37 17.23
N GLU G 6 -16.58 -50.66 17.13
CA GLU G 6 -15.25 -51.16 17.45
C GLU G 6 -14.36 -51.21 16.20
N LYS G 7 -14.90 -50.73 15.07
CA LYS G 7 -14.09 -50.52 13.88
C LYS G 7 -13.07 -49.40 14.14
N VAL G 8 -13.35 -48.58 15.14
CA VAL G 8 -12.45 -47.54 15.58
C VAL G 8 -11.33 -48.17 16.41
N LEU G 9 -10.10 -48.09 15.90
CA LEU G 9 -8.95 -48.74 16.51
C LEU G 9 -8.00 -47.71 17.11
N GLN G 10 -7.28 -48.10 18.17
CA GLN G 10 -6.21 -47.26 18.69
C GLN G 10 -5.11 -47.15 17.64
N ILE G 11 -4.51 -45.96 17.51
CA ILE G 11 -3.32 -45.85 16.68
C ILE G 11 -2.16 -46.56 17.37
N CYS G 12 -2.00 -46.34 18.68
CA CYS G 12 -0.87 -46.90 19.40
C CYS G 12 -1.26 -48.00 20.38
N PRO G 13 -0.53 -49.12 20.35
CA PRO G 13 -0.64 -50.10 21.45
C PRO G 13 -0.20 -49.40 22.74
N LYS G 14 -0.79 -49.75 23.88
CA LYS G 14 -0.57 -48.97 25.10
C LYS G 14 0.87 -49.09 25.64
N ASP G 15 1.56 -50.17 25.29
CA ASP G 15 2.95 -50.38 25.70
C ASP G 15 3.99 -49.94 24.65
N MET G 16 3.54 -49.35 23.56
CA MET G 16 4.47 -48.79 22.57
C MET G 16 5.20 -47.62 23.20
N ARG G 17 6.49 -47.45 22.89
CA ARG G 17 7.25 -46.31 23.44
C ARG G 17 6.61 -44.98 23.01
N ALA G 18 6.56 -44.03 23.94
CA ALA G 18 5.82 -42.79 23.70
C ALA G 18 6.30 -42.01 22.48
N ASP G 19 7.61 -42.01 22.22
CA ASP G 19 8.13 -41.26 21.07
C ASP G 19 7.77 -41.92 19.74
N ILE G 20 7.74 -43.25 19.73
CA ILE G 20 7.27 -43.98 18.56
C ILE G 20 5.78 -43.70 18.34
N CYS G 21 5.01 -43.70 19.43
CA CYS G 21 3.59 -43.38 19.33
C CYS G 21 3.37 -42.00 18.72
N VAL G 22 4.14 -41.01 19.15
CA VAL G 22 4.08 -39.68 18.55
C VAL G 22 4.40 -39.72 17.04
N HIS G 23 5.41 -40.48 16.67
CA HIS G 23 5.75 -40.68 15.27
C HIS G 23 4.57 -41.25 14.47
N LEU G 24 3.85 -42.21 15.05
CA LEU G 24 2.74 -42.85 14.36
C LEU G 24 1.62 -41.85 14.06
N ASN G 25 1.61 -40.72 14.76
CA ASN G 25 0.60 -39.68 14.58
C ASN G 25 1.05 -38.50 13.67
N ARG G 26 2.20 -38.63 13.03
CA ARG G 26 2.82 -37.50 12.32
C ARG G 26 1.94 -36.91 11.22
N LYS G 27 1.12 -37.73 10.57
CA LYS G 27 0.26 -37.22 9.50
C LYS G 27 -0.74 -36.18 9.99
N VAL G 28 -0.96 -36.12 11.30
CA VAL G 28 -1.73 -35.03 11.90
C VAL G 28 -0.77 -34.06 12.59
N PHE G 29 0.07 -34.57 13.49
CA PHE G 29 0.86 -33.70 14.37
C PHE G 29 1.85 -32.83 13.60
N LYS G 30 2.37 -33.34 12.49
CA LYS G 30 3.36 -32.56 11.74
C LYS G 30 2.77 -31.84 10.52
N GLU G 31 1.51 -32.13 10.19
CA GLU G 31 0.91 -31.49 9.02
C GLU G 31 -0.01 -30.35 9.41
N HIS G 32 -0.74 -30.52 10.51
CA HIS G 32 -1.70 -29.52 10.89
C HIS G 32 -1.14 -28.46 11.85
N PRO G 33 -1.29 -27.18 11.49
CA PRO G 33 -0.69 -26.08 12.25
C PRO G 33 -1.20 -25.97 13.68
N ALA G 34 -2.38 -26.53 13.99
CA ALA G 34 -2.89 -26.48 15.36
C ALA G 34 -1.97 -27.16 16.37
N PHE G 35 -1.05 -27.98 15.89
CA PHE G 35 -0.17 -28.75 16.77
C PHE G 35 1.25 -28.22 16.87
N ARG G 36 1.53 -27.09 16.24
CA ARG G 36 2.90 -26.57 16.17
C ARG G 36 3.49 -26.24 17.54
N LEU G 37 2.72 -25.58 18.40
CA LEU G 37 3.21 -25.15 19.71
C LEU G 37 3.02 -26.19 20.82
N ALA G 38 2.60 -27.40 20.47
CA ALA G 38 2.38 -28.42 21.48
C ALA G 38 3.71 -28.92 22.04
N SER G 39 3.79 -29.06 23.35
CA SER G 39 4.99 -29.59 23.98
C SER G 39 5.06 -31.10 23.77
N ASP G 40 6.20 -31.70 24.12
CA ASP G 40 6.35 -33.14 23.97
C ASP G 40 5.37 -33.91 24.85
N GLY G 41 5.14 -33.41 26.07
CA GLY G 41 4.22 -34.07 26.98
C GLY G 41 2.81 -34.02 26.41
N CYS G 42 2.49 -32.88 25.80
CA CYS G 42 1.19 -32.69 25.21
C CYS G 42 1.00 -33.62 24.00
N LEU G 43 1.99 -33.63 23.12
CA LEU G 43 1.99 -34.54 21.97
C LEU G 43 1.88 -36.00 22.40
N ARG G 44 2.69 -36.39 23.39
CA ARG G 44 2.65 -37.76 23.91
C ARG G 44 1.28 -38.13 24.48
N ALA G 45 0.63 -37.18 25.16
CA ALA G 45 -0.70 -37.42 25.72
C ALA G 45 -1.76 -37.55 24.62
N LEU G 46 -1.66 -36.69 23.61
CA LEU G 46 -2.59 -36.75 22.48
C LEU G 46 -2.40 -38.03 21.69
N ALA G 47 -1.15 -38.37 21.39
CA ALA G 47 -0.84 -39.57 20.61
C ALA G 47 -1.47 -40.84 21.18
N MET G 48 -1.49 -40.97 22.50
CA MET G 48 -1.98 -42.19 23.12
C MET G 48 -3.53 -42.25 23.11
N GLU G 49 -4.16 -41.12 22.79
CA GLU G 49 -5.61 -41.08 22.77
C GLU G 49 -6.16 -41.19 21.35
N PHE G 50 -5.35 -40.86 20.36
CA PHE G 50 -5.84 -40.86 18.97
C PHE G 50 -6.23 -42.25 18.49
N GLN G 51 -7.26 -42.29 17.65
CA GLN G 51 -7.75 -43.55 17.09
C GLN G 51 -7.76 -43.46 15.56
N THR G 52 -7.92 -44.60 14.90
CA THR G 52 -7.93 -44.61 13.44
C THR G 52 -9.15 -45.35 12.89
N VAL G 53 -9.70 -44.82 11.79
CA VAL G 53 -10.85 -45.43 11.13
C VAL G 53 -10.46 -45.72 9.68
N HIS G 54 -10.71 -46.93 9.21
CA HIS G 54 -10.37 -47.30 7.84
C HIS G 54 -11.68 -47.62 7.11
N CYS G 55 -12.03 -46.82 6.12
CA CYS G 55 -13.34 -46.93 5.47
C CYS G 55 -13.20 -47.43 4.05
N ALA G 56 -14.17 -48.23 3.61
CA ALA G 56 -14.22 -48.65 2.23
C ALA G 56 -15.18 -47.70 1.55
N PRO G 57 -15.11 -47.59 0.20
CA PRO G 57 -16.00 -46.66 -0.50
C PRO G 57 -17.47 -46.94 -0.18
N GLY G 58 -18.27 -45.89 0.01
CA GLY G 58 -19.67 -46.04 0.36
C GLY G 58 -19.98 -46.23 1.84
N ASP G 59 -18.94 -46.46 2.65
CA ASP G 59 -19.11 -46.56 4.11
C ASP G 59 -19.62 -45.24 4.68
N LEU G 60 -20.60 -45.33 5.58
CA LEU G 60 -21.04 -44.13 6.30
C LEU G 60 -20.15 -43.90 7.52
N ILE G 61 -19.59 -42.70 7.62
CA ILE G 61 -18.79 -42.29 8.77
C ILE G 61 -19.75 -41.73 9.83
N TYR G 62 -20.66 -40.87 9.41
CA TYR G 62 -21.74 -40.38 10.27
C TYR G 62 -23.06 -40.37 9.52
N HIS G 63 -24.14 -40.76 10.20
CA HIS G 63 -25.50 -40.58 9.72
C HIS G 63 -26.00 -39.23 10.22
N ALA G 64 -26.95 -38.63 9.51
CA ALA G 64 -27.56 -37.41 10.02
C ALA G 64 -28.32 -37.75 11.29
N GLY G 65 -28.18 -36.90 12.31
CA GLY G 65 -28.80 -37.19 13.59
C GLY G 65 -27.88 -37.91 14.57
N GLU G 66 -26.82 -38.52 14.06
CA GLU G 66 -25.87 -39.23 14.92
C GLU G 66 -25.06 -38.24 15.76
N SER G 67 -24.71 -38.64 16.98
CA SER G 67 -23.91 -37.77 17.84
C SER G 67 -22.47 -37.61 17.31
N VAL G 68 -22.05 -36.36 17.16
CA VAL G 68 -20.68 -36.05 16.70
C VAL G 68 -19.78 -35.88 17.90
N ASP G 69 -19.04 -36.93 18.25
CA ASP G 69 -18.33 -36.98 19.52
C ASP G 69 -16.83 -36.95 19.37
N SER G 70 -16.36 -36.89 18.12
CA SER G 70 -14.92 -36.90 17.86
C SER G 70 -14.54 -35.79 16.91
N LEU G 71 -13.29 -35.36 17.00
CA LEU G 71 -12.70 -34.48 16.01
C LEU G 71 -11.99 -35.39 15.02
N CYS G 72 -12.26 -35.22 13.73
CA CYS G 72 -11.82 -36.21 12.73
C CYS G 72 -10.91 -35.59 11.67
N PHE G 73 -9.73 -36.17 11.48
CA PHE G 73 -8.77 -35.64 10.51
C PHE G 73 -8.68 -36.62 9.35
N VAL G 74 -8.83 -36.15 8.12
CA VAL G 74 -8.69 -37.03 6.96
C VAL G 74 -7.20 -37.17 6.63
N VAL G 75 -6.66 -38.39 6.66
CA VAL G 75 -5.23 -38.53 6.36
C VAL G 75 -5.01 -39.17 5.00
N SER G 76 -6.04 -39.84 4.49
CA SER G 76 -5.99 -40.39 3.15
C SER G 76 -7.41 -40.53 2.60
N GLY G 77 -7.56 -40.36 1.29
CA GLY G 77 -8.83 -40.62 0.65
C GLY G 77 -9.77 -39.43 0.62
N SER G 78 -11.00 -39.66 0.17
CA SER G 78 -12.00 -38.60 0.01
C SER G 78 -13.33 -39.03 0.62
N LEU G 79 -14.08 -38.06 1.14
CA LEU G 79 -15.42 -38.26 1.68
C LEU G 79 -16.34 -37.21 1.08
N GLU G 80 -17.62 -37.53 1.00
CA GLU G 80 -18.62 -36.52 0.67
C GLU G 80 -19.49 -36.23 1.87
N VAL G 81 -19.85 -34.96 2.04
CA VAL G 81 -20.81 -34.56 3.06
C VAL G 81 -22.15 -34.28 2.39
N ILE G 82 -23.20 -34.93 2.86
CA ILE G 82 -24.49 -34.90 2.20
C ILE G 82 -25.63 -34.42 3.11
N GLN G 83 -26.26 -33.32 2.73
CA GLN G 83 -27.41 -32.78 3.49
C GLN G 83 -28.59 -32.67 2.54
N ASP G 84 -29.73 -33.22 2.94
CA ASP G 84 -30.94 -33.18 2.12
C ASP G 84 -30.67 -33.72 0.72
N ASP G 85 -29.89 -34.79 0.64
CA ASP G 85 -29.57 -35.48 -0.61
C ASP G 85 -28.76 -34.66 -1.61
N GLU G 86 -28.00 -33.69 -1.10
CA GLU G 86 -27.10 -32.91 -1.93
C GLU G 86 -25.72 -32.89 -1.32
N VAL G 87 -24.70 -33.02 -2.17
CA VAL G 87 -23.32 -32.87 -1.71
C VAL G 87 -23.08 -31.41 -1.35
N VAL G 88 -22.68 -31.17 -0.09
CA VAL G 88 -22.45 -29.81 0.38
C VAL G 88 -20.97 -29.58 0.67
N ALA G 89 -20.20 -30.67 0.66
CA ALA G 89 -18.74 -30.61 0.83
C ALA G 89 -18.07 -31.91 0.40
N ILE G 90 -16.87 -31.80 -0.13
CA ILE G 90 -16.03 -32.97 -0.37
C ILE G 90 -14.79 -32.79 0.49
N LEU G 91 -14.42 -33.82 1.26
CA LEU G 91 -13.29 -33.70 2.18
C LEU G 91 -12.16 -34.61 1.71
N GLY G 92 -10.93 -34.14 1.83
CA GLY G 92 -9.78 -34.91 1.36
C GLY G 92 -8.65 -34.77 2.34
N LYS G 93 -7.48 -35.31 1.99
CA LYS G 93 -6.34 -35.35 2.88
C LYS G 93 -6.03 -33.96 3.41
N GLY G 94 -5.82 -33.86 4.72
CA GLY G 94 -5.54 -32.59 5.35
C GLY G 94 -6.75 -31.93 5.98
N ASP G 95 -7.95 -32.36 5.59
CA ASP G 95 -9.16 -31.74 6.13
C ASP G 95 -9.54 -32.22 7.54
N VAL G 96 -10.32 -31.41 8.24
CA VAL G 96 -10.73 -31.77 9.60
C VAL G 96 -12.20 -31.44 9.76
N PHE G 97 -12.95 -32.32 10.42
CA PHE G 97 -14.37 -32.07 10.61
C PHE G 97 -14.85 -32.54 11.97
N GLY G 98 -16.02 -32.05 12.36
CA GLY G 98 -16.60 -32.35 13.65
C GLY G 98 -17.34 -31.12 14.15
N ASP G 99 -16.97 -30.63 15.33
CA ASP G 99 -17.53 -29.41 15.86
C ASP G 99 -16.47 -28.71 16.71
N VAL G 100 -16.74 -27.46 17.11
CA VAL G 100 -15.81 -26.72 17.96
C VAL G 100 -16.06 -27.06 19.43
N PHE G 101 -15.64 -28.26 19.83
CA PHE G 101 -15.94 -28.80 21.15
C PHE G 101 -15.37 -27.94 22.28
N TRP G 102 -14.22 -27.33 22.04
CA TRP G 102 -13.54 -26.49 23.02
C TRP G 102 -14.19 -25.10 23.22
N LYS G 103 -15.21 -24.78 22.42
CA LYS G 103 -15.91 -23.50 22.58
C LYS G 103 -17.39 -23.70 22.88
N GLU G 104 -17.83 -24.96 22.87
CA GLU G 104 -19.24 -25.29 22.97
C GLU G 104 -19.39 -26.65 23.65
N ALA G 105 -19.83 -26.65 24.90
CA ALA G 105 -19.93 -27.89 25.67
C ALA G 105 -21.14 -28.72 25.27
N THR G 106 -22.14 -28.11 24.63
CA THR G 106 -23.34 -28.84 24.21
C THR G 106 -23.00 -29.91 23.19
N LEU G 107 -23.59 -31.08 23.38
CA LEU G 107 -23.35 -32.21 22.50
C LEU G 107 -24.02 -31.98 21.15
N ALA G 108 -23.33 -32.33 20.07
CA ALA G 108 -23.80 -32.04 18.72
C ALA G 108 -24.30 -33.27 17.98
N GLN G 109 -25.43 -33.13 17.28
CA GLN G 109 -25.89 -34.16 16.36
C GLN G 109 -25.50 -33.74 14.95
N SER G 110 -25.09 -34.70 14.13
CA SER G 110 -24.70 -34.39 12.76
C SER G 110 -25.90 -33.92 11.94
N CYS G 111 -25.70 -32.85 11.19
CA CYS G 111 -26.74 -32.34 10.30
C CYS G 111 -26.63 -32.92 8.90
N ALA G 112 -25.71 -33.86 8.73
CA ALA G 112 -25.45 -34.45 7.40
C ALA G 112 -24.95 -35.88 7.48
N ASN G 113 -25.12 -36.62 6.39
CA ASN G 113 -24.42 -37.88 6.21
C ASN G 113 -22.99 -37.60 5.76
N VAL G 114 -22.02 -38.38 6.26
CA VAL G 114 -20.65 -38.30 5.82
C VAL G 114 -20.30 -39.68 5.29
N ARG G 115 -19.94 -39.76 4.02
CA ARG G 115 -19.83 -41.04 3.31
C ARG G 115 -18.55 -41.09 2.51
N ALA G 116 -17.80 -42.18 2.66
CA ALA G 116 -16.55 -42.35 1.94
C ALA G 116 -16.77 -42.49 0.44
N LEU G 117 -15.96 -41.77 -0.34
CA LEU G 117 -15.98 -41.89 -1.80
C LEU G 117 -14.94 -42.92 -2.26
N THR G 118 -13.82 -42.95 -1.56
CA THR G 118 -12.72 -43.87 -1.83
C THR G 118 -12.45 -44.65 -0.55
N TYR G 119 -11.51 -45.60 -0.60
CA TYR G 119 -10.91 -46.09 0.63
C TYR G 119 -10.38 -44.86 1.36
N CYS G 120 -10.84 -44.67 2.60
CA CYS G 120 -10.52 -43.45 3.33
C CYS G 120 -9.97 -43.81 4.71
N ASP G 121 -8.93 -43.09 5.14
CA ASP G 121 -8.35 -43.28 6.49
C ASP G 121 -8.51 -42.01 7.31
N LEU G 122 -9.08 -42.15 8.51
CA LEU G 122 -9.22 -41.02 9.43
C LEU G 122 -8.38 -41.23 10.69
N HIS G 123 -7.77 -40.16 11.20
CA HIS G 123 -7.27 -40.13 12.57
C HIS G 123 -8.27 -39.34 13.42
N VAL G 124 -8.79 -39.94 14.48
CA VAL G 124 -9.85 -39.26 15.26
C VAL G 124 -9.55 -39.26 16.74
N ILE G 125 -10.07 -38.25 17.44
CA ILE G 125 -9.93 -38.18 18.89
C ILE G 125 -11.28 -37.79 19.48
N LYS G 126 -11.74 -38.55 20.47
CA LYS G 126 -13.01 -38.23 21.12
C LYS G 126 -12.91 -36.88 21.80
N ARG G 127 -14.03 -36.16 21.87
CA ARG G 127 -14.00 -34.79 22.40
C ARG G 127 -13.58 -34.74 23.87
N ASP G 128 -13.99 -35.72 24.66
CA ASP G 128 -13.64 -35.73 26.08
C ASP G 128 -12.13 -35.91 26.30
N ALA G 129 -11.52 -36.78 25.51
CA ALA G 129 -10.08 -37.03 25.59
C ALA G 129 -9.30 -35.79 25.19
N LEU G 130 -9.72 -35.14 24.10
CA LEU G 130 -9.12 -33.88 23.66
C LEU G 130 -9.31 -32.78 24.70
N GLN G 131 -10.52 -32.71 25.25
CA GLN G 131 -10.83 -31.65 26.19
C GLN G 131 -9.95 -31.77 27.42
N LYS G 132 -9.72 -33.01 27.86
CA LYS G 132 -8.87 -33.27 29.00
C LYS G 132 -7.45 -32.72 28.76
N VAL G 133 -6.93 -32.94 27.55
CA VAL G 133 -5.60 -32.46 27.19
C VAL G 133 -5.59 -30.93 27.15
N LEU G 134 -6.61 -30.34 26.53
CA LEU G 134 -6.69 -28.88 26.40
C LEU G 134 -6.81 -28.19 27.76
N GLU G 135 -7.54 -28.79 28.68
CA GLU G 135 -7.74 -28.19 29.99
C GLU G 135 -6.44 -28.24 30.80
N PHE G 136 -5.63 -29.27 30.58
CA PHE G 136 -4.35 -29.38 31.28
C PHE G 136 -3.28 -28.47 30.67
N TYR G 137 -3.13 -28.54 29.35
CA TYR G 137 -2.16 -27.71 28.63
C TYR G 137 -2.80 -26.40 28.16
N THR G 138 -2.99 -25.50 29.12
CA THR G 138 -3.72 -24.24 28.94
C THR G 138 -3.12 -23.36 27.85
N ALA G 139 -1.81 -23.14 27.89
CA ALA G 139 -1.17 -22.33 26.86
C ALA G 139 -1.40 -22.94 25.49
N PHE G 140 -1.17 -24.25 25.39
CA PHE G 140 -1.37 -24.93 24.12
C PHE G 140 -2.79 -24.78 23.63
N SER G 141 -3.75 -24.79 24.55
CA SER G 141 -5.15 -24.77 24.15
C SER G 141 -5.50 -23.49 23.39
N HIS G 142 -4.80 -22.39 23.71
CA HIS G 142 -5.06 -21.13 23.03
C HIS G 142 -4.55 -21.13 21.58
N SER G 143 -3.36 -21.68 21.34
CA SER G 143 -2.85 -21.78 19.98
C SER G 143 -3.62 -22.82 19.19
N PHE G 144 -4.00 -23.92 19.84
CA PHE G 144 -4.82 -24.95 19.20
C PHE G 144 -6.12 -24.36 18.67
N SER G 145 -6.83 -23.65 19.54
CA SER G 145 -8.12 -23.09 19.18
C SER G 145 -8.03 -22.04 18.08
N ARG G 146 -6.94 -21.29 18.08
CA ARG G 146 -6.71 -20.20 17.14
C ARG G 146 -6.31 -20.73 15.74
N ASN G 147 -5.76 -21.94 15.70
CA ASN G 147 -5.30 -22.57 14.46
C ASN G 147 -6.25 -23.64 13.90
N LEU G 148 -7.12 -24.19 14.74
CA LEU G 148 -8.02 -25.25 14.27
C LEU G 148 -9.19 -24.61 13.56
N ILE G 149 -9.23 -24.76 12.24
CA ILE G 149 -10.31 -24.23 11.42
C ILE G 149 -10.94 -25.42 10.76
N LEU G 150 -12.16 -25.74 11.19
CA LEU G 150 -12.83 -26.92 10.65
C LEU G 150 -13.06 -26.73 9.16
N THR G 151 -12.79 -27.77 8.38
CA THR G 151 -13.13 -27.74 6.96
C THR G 151 -14.63 -27.92 6.81
N TYR G 152 -15.22 -28.68 7.73
CA TYR G 152 -16.67 -28.80 7.80
C TYR G 152 -17.18 -28.99 9.22
N ASN G 153 -18.17 -28.19 9.60
CA ASN G 153 -18.74 -28.29 10.94
C ASN G 153 -20.11 -28.96 10.88
N LEU G 154 -20.25 -30.13 11.52
CA LEU G 154 -21.47 -30.92 11.36
C LEU G 154 -22.64 -30.46 12.24
N ARG G 155 -22.43 -29.41 13.04
CA ARG G 155 -23.44 -29.02 14.03
C ARG G 155 -24.67 -28.33 13.42
N LYS G 156 -24.49 -27.59 12.34
CA LYS G 156 -25.60 -26.80 11.81
C LYS G 156 -25.92 -27.08 10.35
N ARG G 157 -27.21 -27.00 10.01
CA ARG G 157 -27.65 -27.18 8.64
C ARG G 157 -27.34 -25.97 7.78
N ILE G 158 -26.98 -26.22 6.53
CA ILE G 158 -26.84 -25.16 5.54
C ILE G 158 -28.24 -24.86 5.04
N VAL G 159 -28.55 -23.57 4.85
CA VAL G 159 -29.79 -23.18 4.17
C VAL G 159 -29.51 -23.00 2.68
N PHE G 160 -30.14 -23.81 1.85
CA PHE G 160 -29.99 -23.67 0.41
C PHE G 160 -31.29 -24.05 -0.29
N ARG G 161 -31.37 -23.73 -1.58
CA ARG G 161 -32.51 -24.12 -2.39
C ARG G 161 -32.05 -24.96 -3.57
N LYS G 162 -32.76 -26.05 -3.85
CA LYS G 162 -32.52 -26.84 -5.05
C LYS G 162 -32.94 -26.05 -6.28
N ILE G 163 -32.11 -26.10 -7.31
CA ILE G 163 -32.42 -25.45 -8.58
C ILE G 163 -33.73 -26.00 -9.17
N SER G 164 -33.96 -27.29 -9.00
CA SER G 164 -35.17 -27.93 -9.50
C SER G 164 -36.45 -27.39 -8.85
N ASP G 165 -36.39 -27.10 -7.55
CA ASP G 165 -37.54 -26.56 -6.83
C ASP G 165 -37.70 -25.06 -7.07
N VAL G 166 -36.70 -24.45 -7.72
CA VAL G 166 -36.82 -23.08 -8.21
C VAL G 166 -37.58 -23.10 -9.52
N LYS G 167 -37.17 -23.98 -10.43
CA LYS G 167 -37.84 -24.17 -11.71
C LYS G 167 -39.19 -24.88 -11.54
N ARG G 168 -39.60 -25.07 -10.29
CA ARG G 168 -40.90 -25.68 -9.97
C ARG G 168 -41.69 -24.81 -8.99
N GLU G 169 -41.52 -23.49 -9.11
CA GLU G 169 -42.32 -22.53 -8.35
C GLU G 169 -43.16 -21.71 -9.34
N GLU G 170 -43.07 -22.09 -10.61
CA GLU G 170 -43.85 -21.46 -11.67
C GLU G 170 -45.34 -21.76 -11.49
N ASN H 24 -4.76 -33.56 -10.45
CA ASN H 24 -3.45 -33.24 -11.03
C ASN H 24 -2.79 -32.05 -10.35
N ASP H 25 -1.82 -31.44 -11.03
CA ASP H 25 -1.16 -30.24 -10.54
C ASP H 25 -1.96 -29.01 -10.94
N THR H 26 -3.21 -29.24 -11.35
CA THR H 26 -4.14 -28.16 -11.70
C THR H 26 -4.57 -27.36 -10.47
N ASN H 27 -5.20 -26.22 -10.72
CA ASN H 27 -5.82 -25.43 -9.68
C ASN H 27 -7.32 -25.40 -9.94
N PHE H 28 -8.12 -25.97 -9.05
CA PHE H 28 -9.55 -26.12 -9.36
C PHE H 28 -10.48 -26.11 -8.16
N VAL H 29 -11.72 -25.71 -8.41
CA VAL H 29 -12.80 -25.88 -7.45
C VAL H 29 -13.94 -26.73 -8.07
N LEU H 30 -14.72 -27.39 -7.23
CA LEU H 30 -15.90 -28.14 -7.68
C LEU H 30 -17.17 -27.51 -7.09
N GLY H 31 -18.16 -27.26 -7.94
CA GLY H 31 -19.41 -26.64 -7.48
C GLY H 31 -20.60 -27.57 -7.59
N ASN H 32 -21.56 -27.46 -6.67
CA ASN H 32 -22.79 -28.24 -6.76
C ASN H 32 -23.71 -27.62 -7.80
N ALA H 33 -24.08 -28.40 -8.80
CA ALA H 33 -24.80 -27.88 -9.95
C ALA H 33 -26.32 -27.89 -9.80
N GLN H 34 -26.81 -28.48 -8.71
CA GLN H 34 -28.25 -28.58 -8.48
C GLN H 34 -28.73 -27.60 -7.41
N ILE H 35 -27.78 -26.88 -6.81
CA ILE H 35 -28.07 -25.89 -5.78
C ILE H 35 -27.90 -24.47 -6.32
N VAL H 36 -28.84 -23.60 -5.98
CA VAL H 36 -28.80 -22.19 -6.39
C VAL H 36 -27.46 -21.54 -6.01
N ASP H 37 -26.90 -20.79 -6.96
CA ASP H 37 -25.60 -20.12 -6.86
C ASP H 37 -24.38 -21.04 -7.04
N TRP H 38 -24.64 -22.32 -7.32
CA TRP H 38 -23.56 -23.25 -7.61
C TRP H 38 -22.46 -23.23 -6.54
N PRO H 39 -22.79 -23.60 -5.29
CA PRO H 39 -21.82 -23.47 -4.20
C PRO H 39 -20.62 -24.41 -4.32
N ILE H 40 -19.45 -23.90 -3.97
CA ILE H 40 -18.22 -24.69 -4.02
C ILE H 40 -18.22 -25.75 -2.93
N VAL H 41 -18.01 -27.01 -3.30
CA VAL H 41 -17.94 -28.10 -2.32
C VAL H 41 -16.51 -28.58 -2.13
N TYR H 42 -15.62 -28.12 -3.01
CA TYR H 42 -14.22 -28.51 -2.90
C TYR H 42 -13.33 -27.50 -3.61
N SER H 43 -12.20 -27.15 -3.00
CA SER H 43 -11.14 -26.42 -3.70
C SER H 43 -9.80 -27.05 -3.34
N ASN H 44 -8.99 -27.35 -4.35
CA ASN H 44 -7.74 -28.07 -4.08
C ASN H 44 -6.66 -27.14 -3.53
N ASP H 45 -5.57 -27.73 -3.07
CA ASP H 45 -4.46 -26.96 -2.53
C ASP H 45 -3.99 -25.94 -3.55
N GLY H 46 -3.95 -26.35 -4.81
CA GLY H 46 -3.48 -25.49 -5.88
C GLY H 46 -4.28 -24.20 -5.97
N PHE H 47 -5.60 -24.30 -5.94
CA PHE H 47 -6.43 -23.11 -6.02
C PHE H 47 -6.23 -22.21 -4.81
N CYS H 48 -6.15 -22.81 -3.64
CA CYS H 48 -6.00 -22.04 -2.42
C CYS H 48 -4.67 -21.27 -2.42
N LYS H 49 -3.61 -21.93 -2.90
CA LYS H 49 -2.30 -21.30 -2.96
C LYS H 49 -2.26 -20.21 -4.02
N LEU H 50 -2.89 -20.49 -5.16
CA LEU H 50 -2.92 -19.52 -6.28
C LEU H 50 -3.75 -18.28 -5.95
N SER H 51 -4.93 -18.50 -5.38
CA SER H 51 -5.86 -17.41 -5.09
C SER H 51 -5.57 -16.73 -3.77
N GLY H 52 -4.88 -17.44 -2.88
CA GLY H 52 -4.61 -16.92 -1.56
C GLY H 52 -5.67 -17.26 -0.51
N TYR H 53 -6.84 -17.75 -0.92
CA TYR H 53 -7.92 -17.98 0.04
C TYR H 53 -7.82 -19.33 0.72
N HIS H 54 -8.11 -19.35 2.02
CA HIS H 54 -8.12 -20.58 2.78
C HIS H 54 -9.30 -21.42 2.32
N ARG H 55 -9.10 -22.72 2.24
CA ARG H 55 -10.17 -23.65 1.86
C ARG H 55 -11.49 -23.38 2.57
N ALA H 56 -11.46 -23.09 3.87
CA ALA H 56 -12.68 -22.85 4.62
C ALA H 56 -13.36 -21.54 4.25
N GLU H 57 -12.61 -20.64 3.60
CA GLU H 57 -13.15 -19.34 3.16
C GLU H 57 -13.89 -19.48 1.83
N VAL H 58 -13.42 -20.42 1.02
CA VAL H 58 -13.92 -20.67 -0.34
C VAL H 58 -15.17 -21.55 -0.33
N MET H 59 -15.20 -22.50 0.61
CA MET H 59 -16.32 -23.43 0.75
C MET H 59 -17.67 -22.71 0.77
N GLN H 60 -18.59 -23.19 -0.06
CA GLN H 60 -19.97 -22.71 -0.13
C GLN H 60 -20.15 -21.37 -0.83
N LYS H 61 -19.05 -20.70 -1.17
CA LYS H 61 -19.14 -19.52 -2.03
C LYS H 61 -19.57 -19.98 -3.41
N SER H 62 -20.18 -19.08 -4.19
CA SER H 62 -20.59 -19.44 -5.56
C SER H 62 -19.40 -19.82 -6.43
N SER H 63 -19.56 -20.86 -7.26
CA SER H 63 -18.52 -21.33 -8.17
C SER H 63 -18.08 -20.26 -9.15
N ALA H 64 -18.90 -19.22 -9.34
CA ALA H 64 -18.55 -18.13 -10.21
C ALA H 64 -17.49 -17.24 -9.56
N CYS H 65 -17.09 -17.61 -8.35
CA CYS H 65 -16.03 -16.93 -7.62
C CYS H 65 -16.22 -15.43 -7.55
N SER H 66 -17.44 -15.01 -7.24
CA SER H 66 -17.78 -13.59 -7.13
C SER H 66 -17.02 -12.98 -5.97
N PHE H 67 -16.54 -13.82 -5.05
CA PHE H 67 -15.76 -13.32 -3.93
C PHE H 67 -14.39 -12.77 -4.34
N MET H 68 -13.99 -13.02 -5.59
CA MET H 68 -12.72 -12.52 -6.11
C MET H 68 -12.89 -11.39 -7.14
N TYR H 69 -14.12 -10.91 -7.35
CA TYR H 69 -14.34 -9.81 -8.28
C TYR H 69 -13.98 -8.49 -7.62
N GLY H 70 -13.71 -7.48 -8.44
CA GLY H 70 -13.40 -6.16 -7.91
C GLY H 70 -13.55 -5.10 -8.97
N GLU H 71 -12.99 -3.92 -8.71
CA GLU H 71 -13.14 -2.76 -9.59
C GLU H 71 -12.77 -3.02 -11.05
N LEU H 72 -11.65 -3.70 -11.28
CA LEU H 72 -11.15 -3.86 -12.65
C LEU H 72 -11.76 -5.05 -13.38
N THR H 73 -12.54 -5.85 -12.68
CA THR H 73 -13.16 -7.04 -13.25
C THR H 73 -14.18 -6.63 -14.32
N ASP H 74 -14.10 -7.29 -15.48
CA ASP H 74 -15.01 -6.97 -16.58
C ASP H 74 -16.43 -7.42 -16.27
N LYS H 75 -17.33 -6.46 -16.11
CA LYS H 75 -18.69 -6.71 -15.66
C LYS H 75 -19.53 -7.46 -16.71
N ASP H 76 -19.04 -7.49 -17.95
CA ASP H 76 -19.68 -8.27 -19.02
C ASP H 76 -19.19 -9.72 -18.98
N THR H 77 -17.88 -9.90 -18.83
CA THR H 77 -17.29 -11.23 -18.65
C THR H 77 -17.94 -11.96 -17.47
N VAL H 78 -18.16 -11.21 -16.40
CA VAL H 78 -18.88 -11.72 -15.23
C VAL H 78 -20.22 -12.31 -15.66
N GLU H 79 -20.91 -11.58 -16.54
CA GLU H 79 -22.22 -12.01 -17.02
C GLU H 79 -22.19 -13.32 -17.81
N LYS H 80 -21.20 -13.46 -18.70
CA LYS H 80 -21.08 -14.67 -19.51
C LYS H 80 -20.77 -15.88 -18.63
N VAL H 81 -19.97 -15.68 -17.59
CA VAL H 81 -19.64 -16.75 -16.65
C VAL H 81 -20.90 -17.28 -15.97
N ARG H 82 -21.75 -16.37 -15.50
CA ARG H 82 -23.01 -16.75 -14.85
C ARG H 82 -23.91 -17.53 -15.81
N GLN H 83 -23.87 -17.15 -17.10
CA GLN H 83 -24.67 -17.80 -18.12
C GLN H 83 -24.16 -19.20 -18.47
N THR H 84 -22.84 -19.38 -18.43
CA THR H 84 -22.24 -20.69 -18.62
C THR H 84 -22.84 -21.67 -17.61
N PHE H 85 -22.89 -21.24 -16.36
CA PHE H 85 -23.46 -22.03 -15.28
C PHE H 85 -24.96 -22.26 -15.48
N GLU H 86 -25.67 -21.23 -15.91
CA GLU H 86 -27.10 -21.36 -16.19
C GLU H 86 -27.33 -22.30 -17.37
N ASN H 87 -26.37 -22.33 -18.30
CA ASN H 87 -26.52 -23.12 -19.52
C ASN H 87 -25.77 -24.45 -19.52
N TYR H 88 -25.15 -24.79 -18.39
CA TYR H 88 -24.38 -26.04 -18.26
C TYR H 88 -23.41 -26.17 -19.42
N GLU H 89 -22.84 -25.05 -19.82
CA GLU H 89 -21.98 -25.00 -20.99
C GLU H 89 -20.54 -25.22 -20.60
N MET H 90 -19.74 -25.63 -21.57
CA MET H 90 -18.30 -25.69 -21.42
C MET H 90 -17.76 -24.40 -21.99
N ASN H 91 -17.00 -23.66 -21.19
CA ASN H 91 -16.47 -22.38 -21.66
C ASN H 91 -15.22 -21.91 -20.95
N SER H 92 -14.42 -21.13 -21.65
CA SER H 92 -13.18 -20.59 -21.11
C SER H 92 -13.27 -19.07 -21.06
N PHE H 93 -12.61 -18.47 -20.06
CA PHE H 93 -12.66 -17.03 -19.90
C PHE H 93 -11.34 -16.48 -19.39
N GLU H 94 -10.95 -15.30 -19.88
CA GLU H 94 -9.87 -14.55 -19.28
C GLU H 94 -10.54 -13.53 -18.39
N ILE H 95 -10.11 -13.43 -17.14
CA ILE H 95 -10.79 -12.57 -16.21
C ILE H 95 -9.87 -12.01 -15.13
N LEU H 96 -10.03 -10.72 -14.85
CA LEU H 96 -9.21 -10.03 -13.88
C LEU H 96 -9.87 -10.15 -12.52
N MET H 97 -9.26 -10.91 -11.62
CA MET H 97 -9.81 -11.10 -10.29
C MET H 97 -8.82 -10.71 -9.21
N TYR H 98 -9.23 -10.87 -7.96
CA TYR H 98 -8.45 -10.35 -6.84
C TYR H 98 -8.08 -11.44 -5.86
N LYS H 99 -6.79 -11.55 -5.58
CA LYS H 99 -6.30 -12.51 -4.61
C LYS H 99 -6.76 -12.07 -3.24
N LYS H 100 -6.70 -12.97 -2.26
CA LYS H 100 -7.06 -12.61 -0.88
C LYS H 100 -6.36 -11.35 -0.40
N ASN H 101 -5.09 -11.16 -0.76
CA ASN H 101 -4.36 -9.97 -0.35
C ASN H 101 -4.69 -8.74 -1.19
N ARG H 102 -5.74 -8.87 -2.01
CA ARG H 102 -6.27 -7.78 -2.84
C ARG H 102 -5.37 -7.41 -4.02
N THR H 103 -4.44 -8.29 -4.36
CA THR H 103 -3.63 -8.10 -5.57
C THR H 103 -4.44 -8.56 -6.77
N PRO H 104 -4.62 -7.66 -7.75
CA PRO H 104 -5.34 -8.01 -8.99
C PRO H 104 -4.48 -8.91 -9.86
N VAL H 105 -5.10 -9.86 -10.54
CA VAL H 105 -4.37 -10.85 -11.33
C VAL H 105 -5.25 -11.33 -12.47
N TRP H 106 -4.65 -11.56 -13.64
CA TRP H 106 -5.37 -12.16 -14.75
C TRP H 106 -5.38 -13.68 -14.61
N PHE H 107 -6.58 -14.25 -14.61
CA PHE H 107 -6.73 -15.70 -14.56
C PHE H 107 -7.32 -16.21 -15.87
N PHE H 108 -6.90 -17.40 -16.30
CA PHE H 108 -7.64 -18.09 -17.33
C PHE H 108 -8.52 -19.10 -16.61
N VAL H 109 -9.82 -19.07 -16.90
CA VAL H 109 -10.77 -19.89 -16.17
C VAL H 109 -11.57 -20.78 -17.12
N LYS H 110 -11.47 -22.09 -16.91
CA LYS H 110 -12.20 -23.05 -17.72
C LYS H 110 -13.31 -23.64 -16.87
N ILE H 111 -14.55 -23.54 -17.35
CA ILE H 111 -15.72 -24.06 -16.64
C ILE H 111 -16.26 -25.28 -17.36
N ALA H 112 -16.34 -26.42 -16.67
CA ALA H 112 -16.85 -27.64 -17.30
C ALA H 112 -17.87 -28.36 -16.43
N PRO H 113 -19.10 -28.55 -16.96
CA PRO H 113 -20.12 -29.33 -16.28
C PRO H 113 -19.73 -30.80 -16.23
N ILE H 114 -20.09 -31.49 -15.15
CA ILE H 114 -19.76 -32.90 -14.99
C ILE H 114 -21.04 -33.74 -14.82
N ARG H 115 -21.36 -34.55 -15.83
CA ARG H 115 -22.58 -35.34 -15.81
C ARG H 115 -22.37 -36.69 -15.15
N ASN H 116 -23.41 -37.19 -14.47
CA ASN H 116 -23.37 -38.52 -13.86
C ASN H 116 -23.73 -39.60 -14.87
N GLU H 117 -23.82 -40.86 -14.42
CA GLU H 117 -24.13 -41.98 -15.28
C GLU H 117 -25.51 -41.88 -15.94
N GLN H 118 -26.41 -41.14 -15.29
CA GLN H 118 -27.74 -40.89 -15.83
C GLN H 118 -27.74 -39.63 -16.69
N ASP H 119 -26.55 -39.13 -16.98
CA ASP H 119 -26.35 -37.91 -17.77
C ASP H 119 -27.06 -36.69 -17.17
N LYS H 120 -26.93 -36.52 -15.85
CA LYS H 120 -27.33 -35.29 -15.19
C LYS H 120 -26.08 -34.57 -14.70
N VAL H 121 -25.96 -33.29 -15.05
CA VAL H 121 -24.87 -32.46 -14.55
C VAL H 121 -24.99 -32.37 -13.04
N VAL H 122 -24.03 -32.96 -12.32
CA VAL H 122 -24.02 -32.92 -10.87
C VAL H 122 -23.00 -31.92 -10.34
N LEU H 123 -21.91 -31.72 -11.08
CA LEU H 123 -20.85 -30.82 -10.65
C LEU H 123 -20.40 -29.90 -11.78
N PHE H 124 -19.85 -28.76 -11.40
CA PHE H 124 -19.09 -27.92 -12.32
C PHE H 124 -17.62 -28.00 -11.91
N LEU H 125 -16.75 -28.31 -12.86
CA LEU H 125 -15.32 -28.23 -12.62
C LEU H 125 -14.82 -26.90 -13.16
N CYS H 126 -14.27 -26.07 -12.29
CA CYS H 126 -13.71 -24.78 -12.72
C CYS H 126 -12.20 -24.78 -12.49
N THR H 127 -11.45 -24.60 -13.56
CA THR H 127 -9.99 -24.68 -13.51
C THR H 127 -9.35 -23.32 -13.76
N PHE H 128 -8.33 -22.99 -12.97
CA PHE H 128 -7.71 -21.67 -12.98
C PHE H 128 -6.21 -21.73 -13.24
N SER H 129 -5.69 -20.75 -13.97
CA SER H 129 -4.25 -20.57 -14.11
C SER H 129 -3.89 -19.10 -14.26
N ASP H 130 -2.74 -18.73 -13.72
CA ASP H 130 -2.26 -17.35 -13.75
C ASP H 130 -1.56 -17.05 -15.08
N ILE H 131 -2.19 -16.19 -15.89
CA ILE H 131 -1.67 -15.86 -17.22
C ILE H 131 -1.17 -14.41 -17.32
N THR H 132 -0.86 -13.81 -16.18
CA THR H 132 -0.46 -12.40 -16.13
C THR H 132 0.81 -12.08 -16.94
N ALA H 133 1.68 -13.08 -17.12
CA ALA H 133 2.89 -12.87 -17.90
C ALA H 133 2.79 -13.40 -19.34
#